data_1X0C
#
_entry.id   1X0C
#
_cell.length_a   99.725
_cell.length_b   136.158
_cell.length_c   84.473
_cell.angle_alpha   90.00
_cell.angle_beta   90.00
_cell.angle_gamma   90.00
#
_symmetry.space_group_name_H-M   'P 21 21 21'
#
loop_
_entity.id
_entity.type
_entity.pdbx_description
1 polymer Isopullulanase
2 non-polymer 2-acetamido-2-deoxy-beta-D-glucopyranose
3 water water
#
_entity_poly.entity_id   1
_entity_poly.type   'polypeptide(L)'
_entity_poly.pdbx_seq_one_letter_code
;REFMAVTANNSQLLTWWHNTGEINTQTPVADGNVRQSGLYSVKVQTTPASSSLYYDSFVYLAIPGNGMSDQLQYTQGYNQ
TQAWTSFLYSHDATVKISRNGSSANSNVVIRPTSLNFPVRYDNQSVYITVPYSPTGYRFSVEFDDDLISLAPSGARQPEN
ALLIFASPFENSSTKPQPGSPNSIAPAPGRVLGLNTTSASTVVFNPGVYYFTGHDHMVLSSSVTWVYFAPGAYVKGAVEF
LSTASEVKASGHGVLSGEQYVWYADPDEGYQKASGANNNGLRMWRGTLGNSSQTFVLNGVTVSAPPFNSMDWSGNSLDLI
TCRVDDYKQVGAFYGQTDGLEMYPGTILQDVFYHTDDDGLKMYYSNVTARNIVMWKESVAPVVEFGWTPRNTENVLFDNV
DVIHQAYANAGNNPGIFGAVNNYLYAPDGLSSNHSTGNSNMTVRNITWSNFRAEGSSSALFRINPIQNLDNISIKNVSIE
SFEPLSINTTESWMPVWYDLNNGKQITVTDFSIEGFTVGNTTITASNAASVGRIDGVDPAYAGSVHYID
;
_entity_poly.pdbx_strand_id   A,B
#
loop_
_chem_comp.id
_chem_comp.type
_chem_comp.name
_chem_comp.formula
NAG D-saccharide, beta linking 2-acetamido-2-deoxy-beta-D-glucopyranose 'C8 H15 N O6'
#
# COMPACT_ATOMS: atom_id res chain seq x y z
N ARG A 1 -41.68 -31.70 -4.59
CA ARG A 1 -41.37 -31.39 -6.01
C ARG A 1 -39.96 -31.87 -6.37
N GLU A 2 -39.62 -31.84 -7.64
CA GLU A 2 -38.29 -32.28 -8.05
C GLU A 2 -37.26 -31.35 -7.44
N PHE A 3 -36.09 -31.89 -7.14
CA PHE A 3 -35.02 -31.08 -6.54
C PHE A 3 -34.52 -30.00 -7.49
N MET A 4 -34.20 -28.84 -6.93
CA MET A 4 -33.68 -27.73 -7.72
C MET A 4 -32.67 -26.94 -6.90
N ALA A 5 -31.70 -26.35 -7.58
CA ALA A 5 -30.68 -25.56 -6.91
C ALA A 5 -31.30 -24.35 -6.22
N VAL A 6 -30.74 -24.00 -5.07
CA VAL A 6 -31.21 -22.85 -4.31
C VAL A 6 -29.99 -21.97 -4.10
N THR A 7 -30.01 -20.77 -4.67
CA THR A 7 -28.87 -19.88 -4.55
C THR A 7 -29.06 -18.78 -3.53
N ALA A 8 -27.94 -18.24 -3.05
CA ALA A 8 -27.99 -17.18 -2.06
C ALA A 8 -27.91 -15.81 -2.71
N ASN A 9 -28.64 -14.85 -2.14
CA ASN A 9 -28.60 -13.49 -2.62
C ASN A 9 -28.98 -12.61 -1.45
N ASN A 10 -28.03 -12.46 -0.52
CA ASN A 10 -28.25 -11.65 0.67
C ASN A 10 -27.03 -10.79 0.94
N SER A 11 -27.05 -10.02 2.04
CA SER A 11 -25.94 -9.13 2.37
C SER A 11 -24.65 -9.84 2.76
N GLN A 12 -24.74 -11.11 3.09
CA GLN A 12 -23.56 -11.86 3.51
C GLN A 12 -23.00 -12.81 2.46
N LEU A 13 -23.87 -13.27 1.55
CA LEU A 13 -23.46 -14.24 0.55
C LEU A 13 -24.23 -14.19 -0.75
N LEU A 14 -23.51 -14.35 -1.86
CA LEU A 14 -24.14 -14.38 -3.18
C LEU A 14 -23.58 -15.55 -3.97
N THR A 15 -24.47 -16.44 -4.40
CA THR A 15 -24.06 -17.58 -5.22
C THR A 15 -24.98 -17.58 -6.42
N TRP A 16 -24.62 -18.30 -7.47
CA TRP A 16 -25.44 -18.35 -8.65
C TRP A 16 -25.48 -19.70 -9.33
N TRP A 17 -26.38 -19.82 -10.29
CA TRP A 17 -26.58 -21.05 -11.03
C TRP A 17 -26.83 -20.74 -12.50
N HIS A 18 -26.84 -21.80 -13.31
CA HIS A 18 -27.11 -21.70 -14.74
C HIS A 18 -28.04 -22.86 -15.07
N ASN A 19 -29.23 -22.57 -15.59
CA ASN A 19 -30.17 -23.63 -15.91
C ASN A 19 -29.79 -24.38 -17.19
N THR A 20 -28.81 -23.87 -17.93
CA THR A 20 -28.37 -24.53 -19.15
C THR A 20 -27.00 -25.18 -18.94
N GLY A 21 -26.76 -25.63 -17.72
CA GLY A 21 -25.51 -26.29 -17.41
C GLY A 21 -25.48 -27.58 -18.21
N GLU A 22 -24.31 -27.95 -18.72
CA GLU A 22 -24.19 -29.17 -19.51
C GLU A 22 -23.03 -30.03 -19.05
N ILE A 23 -23.32 -31.28 -18.70
CA ILE A 23 -22.29 -32.22 -18.28
C ILE A 23 -21.68 -32.74 -19.57
N ASN A 24 -20.41 -32.41 -19.79
CA ASN A 24 -19.74 -32.77 -21.03
C ASN A 24 -18.23 -32.69 -20.82
N THR A 25 -17.53 -33.80 -21.08
CA THR A 25 -16.08 -33.84 -20.90
C THR A 25 -15.29 -34.20 -22.17
N GLN A 26 -15.92 -34.08 -23.34
CA GLN A 26 -15.20 -34.42 -24.57
C GLN A 26 -15.50 -33.59 -25.82
N THR A 27 -16.64 -32.91 -25.83
CA THR A 27 -17.00 -32.10 -26.99
C THR A 27 -17.42 -30.69 -26.60
N PRO A 28 -17.58 -29.79 -27.59
CA PRO A 28 -17.99 -28.43 -27.25
C PRO A 28 -19.41 -28.46 -26.71
N VAL A 29 -19.74 -27.56 -25.79
CA VAL A 29 -21.10 -27.54 -25.27
C VAL A 29 -21.93 -26.68 -26.24
N ALA A 30 -23.25 -26.74 -26.12
CA ALA A 30 -24.10 -25.94 -26.99
C ALA A 30 -23.84 -24.46 -26.75
N ASP A 31 -24.05 -23.64 -27.76
CA ASP A 31 -23.82 -22.20 -27.66
C ASP A 31 -24.39 -21.58 -26.40
N GLY A 32 -25.66 -21.87 -26.11
CA GLY A 32 -26.31 -21.31 -24.95
C GLY A 32 -26.12 -22.10 -23.66
N ASN A 33 -25.30 -23.15 -23.71
CA ASN A 33 -25.04 -23.98 -22.54
C ASN A 33 -23.72 -23.62 -21.86
N VAL A 34 -23.58 -24.05 -20.61
CA VAL A 34 -22.37 -23.78 -19.82
C VAL A 34 -21.80 -25.10 -19.32
N ARG A 35 -20.56 -25.41 -19.70
CA ARG A 35 -19.97 -26.68 -19.25
C ARG A 35 -19.93 -26.69 -17.73
N GLN A 36 -20.49 -27.74 -17.14
CA GLN A 36 -20.55 -27.88 -15.69
C GLN A 36 -19.79 -29.12 -15.21
N SER A 37 -19.19 -29.02 -14.04
CA SER A 37 -18.45 -30.16 -13.50
C SER A 37 -19.43 -31.25 -13.12
N GLY A 38 -19.11 -32.48 -13.49
CA GLY A 38 -19.97 -33.60 -13.16
C GLY A 38 -19.41 -34.33 -11.95
N LEU A 39 -18.23 -33.92 -11.52
CA LEU A 39 -17.55 -34.55 -10.41
C LEU A 39 -17.70 -33.82 -9.08
N TYR A 40 -17.72 -32.48 -9.12
CA TYR A 40 -17.81 -31.69 -7.89
C TYR A 40 -19.07 -30.86 -7.73
N SER A 41 -19.66 -30.94 -6.54
CA SER A 41 -20.83 -30.17 -6.18
C SER A 41 -20.36 -29.25 -5.06
N VAL A 42 -20.72 -27.98 -5.14
CA VAL A 42 -20.32 -27.05 -4.09
C VAL A 42 -21.50 -26.24 -3.56
N LYS A 43 -21.59 -26.16 -2.25
CA LYS A 43 -22.63 -25.39 -1.58
C LYS A 43 -21.92 -24.52 -0.55
N VAL A 44 -22.50 -23.37 -0.24
CA VAL A 44 -21.88 -22.45 0.70
C VAL A 44 -22.85 -21.98 1.78
N GLN A 45 -22.38 -21.90 3.01
CA GLN A 45 -23.20 -21.45 4.13
C GLN A 45 -22.47 -20.42 4.97
N THR A 46 -23.14 -19.31 5.26
CA THR A 46 -22.55 -18.27 6.09
C THR A 46 -22.50 -18.80 7.52
N THR A 47 -21.39 -18.57 8.21
CA THR A 47 -21.25 -19.03 9.58
C THR A 47 -22.14 -18.19 10.49
N PRO A 48 -22.42 -18.68 11.71
CA PRO A 48 -21.96 -19.95 12.27
C PRO A 48 -22.58 -21.16 11.57
N ALA A 49 -21.80 -22.22 11.46
CA ALA A 49 -22.26 -23.44 10.81
C ALA A 49 -23.42 -24.03 11.60
N SER A 50 -24.42 -24.54 10.89
CA SER A 50 -25.59 -25.13 11.54
C SER A 50 -26.34 -26.03 10.56
N SER A 51 -27.38 -26.70 11.07
CA SER A 51 -28.18 -27.59 10.24
C SER A 51 -28.96 -26.76 9.23
N SER A 52 -28.70 -25.46 9.24
CA SER A 52 -29.37 -24.55 8.32
C SER A 52 -29.08 -24.95 6.88
N LEU A 53 -29.72 -24.25 5.95
CA LEU A 53 -29.55 -24.53 4.54
C LEU A 53 -28.21 -24.09 3.97
N TYR A 54 -27.74 -24.82 2.97
CA TYR A 54 -26.50 -24.52 2.28
C TYR A 54 -26.96 -24.06 0.89
N TYR A 55 -26.28 -23.08 0.32
CA TYR A 55 -26.66 -22.57 -0.98
C TYR A 55 -25.77 -23.07 -2.12
N ASP A 56 -26.41 -23.54 -3.18
CA ASP A 56 -25.71 -24.06 -4.35
C ASP A 56 -24.88 -22.99 -5.04
N SER A 57 -23.68 -23.36 -5.46
CA SER A 57 -22.77 -22.47 -6.17
C SER A 57 -22.34 -23.22 -7.41
N PHE A 58 -22.64 -22.66 -8.58
CA PHE A 58 -22.32 -23.32 -9.85
C PHE A 58 -20.83 -23.61 -10.02
N VAL A 59 -20.53 -24.85 -10.39
CA VAL A 59 -19.15 -25.26 -10.62
C VAL A 59 -18.90 -25.41 -12.12
N TYR A 60 -18.13 -24.47 -12.67
CA TYR A 60 -17.79 -24.48 -14.08
C TYR A 60 -16.71 -25.50 -14.35
N LEU A 61 -16.56 -25.90 -15.61
CA LEU A 61 -15.53 -26.86 -15.99
C LEU A 61 -14.85 -26.47 -17.30
N ALA A 62 -13.52 -26.47 -17.30
CA ALA A 62 -12.76 -26.18 -18.50
C ALA A 62 -11.97 -27.45 -18.80
N ILE A 63 -11.87 -27.82 -20.08
CA ILE A 63 -11.14 -29.01 -20.47
C ILE A 63 -10.15 -28.68 -21.58
N PRO A 64 -9.04 -29.43 -21.68
CA PRO A 64 -8.07 -29.14 -22.73
C PRO A 64 -8.69 -29.29 -24.13
N GLY A 65 -8.43 -28.31 -24.99
CA GLY A 65 -8.99 -28.35 -26.33
C GLY A 65 -10.41 -27.84 -26.40
N ASN A 66 -11.01 -27.59 -25.24
CA ASN A 66 -12.38 -27.08 -25.17
C ASN A 66 -13.38 -27.96 -25.93
N GLY A 67 -13.09 -29.26 -26.01
CA GLY A 67 -13.99 -30.16 -26.70
C GLY A 67 -13.64 -30.37 -28.17
N MET A 68 -12.62 -29.66 -28.63
CA MET A 68 -12.19 -29.77 -30.02
C MET A 68 -10.96 -30.68 -30.04
N SER A 69 -11.19 -31.96 -30.30
CA SER A 69 -10.11 -32.95 -30.31
C SER A 69 -8.91 -32.62 -31.20
N ASP A 70 -9.14 -31.97 -32.33
CA ASP A 70 -8.03 -31.64 -33.22
C ASP A 70 -7.16 -30.50 -32.69
N GLN A 71 -7.54 -29.93 -31.56
CA GLN A 71 -6.78 -28.84 -30.95
C GLN A 71 -5.91 -29.34 -29.81
N LEU A 72 -6.10 -30.60 -29.42
CA LEU A 72 -5.32 -31.15 -28.31
C LEU A 72 -3.80 -31.12 -28.54
N GLN A 73 -3.40 -31.17 -29.81
CA GLN A 73 -1.99 -31.14 -30.17
C GLN A 73 -1.32 -29.83 -29.73
N TYR A 74 -2.14 -28.81 -29.50
CA TYR A 74 -1.63 -27.50 -29.09
C TYR A 74 -1.55 -27.34 -27.57
N THR A 75 -1.89 -28.41 -26.85
CA THR A 75 -1.81 -28.41 -25.39
C THR A 75 -0.61 -29.30 -25.03
N GLN A 76 -0.36 -29.50 -23.74
CA GLN A 76 0.76 -30.32 -23.32
C GLN A 76 0.50 -31.82 -23.45
N GLY A 77 -0.76 -32.18 -23.69
CA GLY A 77 -1.11 -33.58 -23.83
C GLY A 77 -1.49 -34.29 -22.56
N TYR A 78 -1.71 -33.54 -21.48
CA TYR A 78 -2.11 -34.15 -20.21
C TYR A 78 -3.64 -34.24 -20.22
N ASN A 79 -4.18 -35.13 -19.39
CA ASN A 79 -5.63 -35.28 -19.34
C ASN A 79 -6.29 -34.49 -18.21
N GLN A 80 -5.56 -33.57 -17.62
CA GLN A 80 -6.11 -32.77 -16.52
C GLN A 80 -7.24 -31.84 -16.95
N THR A 81 -8.25 -31.72 -16.08
CA THR A 81 -9.37 -30.82 -16.32
C THR A 81 -9.35 -29.83 -15.16
N GLN A 82 -10.03 -28.69 -15.33
CA GLN A 82 -10.03 -27.69 -14.28
C GLN A 82 -11.41 -27.12 -14.02
N ALA A 83 -11.94 -27.40 -12.83
CA ALA A 83 -13.25 -26.93 -12.43
C ALA A 83 -13.06 -25.78 -11.45
N TRP A 84 -14.06 -24.92 -11.32
CA TRP A 84 -13.96 -23.80 -10.41
C TRP A 84 -15.34 -23.24 -10.09
N THR A 85 -15.43 -22.55 -8.96
CA THR A 85 -16.67 -21.94 -8.55
C THR A 85 -16.34 -20.59 -7.90
N SER A 86 -17.22 -19.63 -8.09
CA SER A 86 -17.04 -18.30 -7.51
C SER A 86 -18.27 -17.88 -6.73
N PHE A 87 -18.05 -17.11 -5.67
CA PHE A 87 -19.15 -16.59 -4.88
C PHE A 87 -18.67 -15.32 -4.21
N LEU A 88 -19.62 -14.46 -3.85
CA LEU A 88 -19.26 -13.23 -3.17
C LEU A 88 -19.67 -13.37 -1.72
N TYR A 89 -18.89 -12.80 -0.81
CA TYR A 89 -19.22 -12.89 0.60
C TYR A 89 -18.71 -11.66 1.36
N SER A 90 -19.25 -11.46 2.56
CA SER A 90 -18.86 -10.35 3.41
C SER A 90 -18.77 -10.84 4.84
N HIS A 91 -18.81 -12.17 5.00
CA HIS A 91 -18.78 -12.81 6.29
C HIS A 91 -18.18 -14.20 6.15
N ASP A 92 -17.53 -14.70 7.20
CA ASP A 92 -16.95 -16.04 7.17
C ASP A 92 -17.99 -17.01 6.62
N ALA A 93 -17.54 -18.02 5.88
CA ALA A 93 -18.47 -18.99 5.30
C ALA A 93 -17.87 -20.38 5.23
N THR A 94 -18.74 -21.38 5.24
CA THR A 94 -18.33 -22.77 5.15
C THR A 94 -18.62 -23.25 3.74
N VAL A 95 -17.58 -23.74 3.07
CA VAL A 95 -17.73 -24.25 1.71
C VAL A 95 -17.81 -25.77 1.80
N LYS A 96 -18.93 -26.31 1.33
CA LYS A 96 -19.18 -27.74 1.36
C LYS A 96 -18.99 -28.36 -0.01
N ILE A 97 -17.97 -29.20 -0.14
CA ILE A 97 -17.69 -29.85 -1.41
C ILE A 97 -18.12 -31.31 -1.37
N SER A 98 -18.93 -31.71 -2.35
CA SER A 98 -19.43 -33.07 -2.41
C SER A 98 -19.10 -33.71 -3.76
N ARG A 99 -18.67 -34.97 -3.73
CA ARG A 99 -18.40 -35.71 -4.95
C ARG A 99 -19.59 -36.67 -5.05
N ASN A 100 -19.68 -37.46 -6.11
CA ASN A 100 -20.83 -38.35 -6.24
C ASN A 100 -20.99 -39.32 -5.06
N GLY A 101 -22.15 -39.95 -4.99
CA GLY A 101 -22.44 -40.87 -3.90
C GLY A 101 -21.57 -42.11 -3.80
N SER A 102 -21.01 -42.55 -4.92
CA SER A 102 -20.17 -43.74 -4.93
C SER A 102 -18.69 -43.48 -4.64
N SER A 103 -18.30 -42.22 -4.64
CA SER A 103 -16.90 -41.87 -4.37
C SER A 103 -16.54 -42.20 -2.93
N ALA A 104 -15.34 -42.75 -2.73
CA ALA A 104 -14.89 -43.10 -1.39
C ALA A 104 -14.34 -41.85 -0.72
N ASN A 105 -14.26 -41.86 0.61
CA ASN A 105 -13.74 -40.71 1.34
C ASN A 105 -12.25 -40.54 1.05
N SER A 106 -11.82 -39.29 1.00
CA SER A 106 -10.42 -38.98 0.74
C SER A 106 -10.07 -37.63 1.35
N ASN A 107 -8.89 -37.56 1.94
CA ASN A 107 -8.44 -36.31 2.55
C ASN A 107 -8.12 -35.37 1.39
N VAL A 108 -8.06 -34.07 1.69
CA VAL A 108 -7.73 -33.10 0.67
C VAL A 108 -6.59 -32.22 1.17
N VAL A 109 -5.92 -31.57 0.21
CA VAL A 109 -4.85 -30.64 0.49
C VAL A 109 -5.30 -29.35 -0.15
N ILE A 110 -5.24 -28.26 0.59
CA ILE A 110 -5.64 -26.96 0.06
C ILE A 110 -4.39 -26.17 -0.28
N ARG A 111 -4.34 -25.64 -1.50
CA ARG A 111 -3.20 -24.83 -1.94
C ARG A 111 -3.67 -23.45 -2.35
N PRO A 112 -2.95 -22.40 -1.93
CA PRO A 112 -1.74 -22.45 -1.10
C PRO A 112 -1.91 -23.07 0.28
N THR A 113 -0.92 -23.85 0.69
CA THR A 113 -0.97 -24.51 1.99
C THR A 113 -0.82 -23.53 3.15
N SER A 114 -0.39 -22.32 2.86
CA SER A 114 -0.21 -21.30 3.88
C SER A 114 -1.53 -20.76 4.42
N LEU A 115 -2.64 -21.06 3.73
CA LEU A 115 -3.94 -20.58 4.18
C LEU A 115 -4.38 -21.22 5.50
N ASN A 116 -4.13 -22.51 5.63
CA ASN A 116 -4.48 -23.24 6.85
C ASN A 116 -5.95 -23.12 7.25
N PHE A 117 -6.84 -23.23 6.28
CA PHE A 117 -8.28 -23.14 6.55
C PHE A 117 -8.77 -24.42 7.23
N PRO A 118 -9.63 -24.28 8.26
CA PRO A 118 -10.15 -25.47 8.95
C PRO A 118 -10.86 -26.38 7.94
N VAL A 119 -10.59 -27.68 8.03
CA VAL A 119 -11.20 -28.66 7.14
C VAL A 119 -11.74 -29.84 7.94
N ARG A 120 -12.99 -30.22 7.68
CA ARG A 120 -13.59 -31.35 8.38
C ARG A 120 -14.28 -32.25 7.37
N TYR A 121 -14.25 -33.55 7.64
CA TYR A 121 -14.85 -34.54 6.74
C TYR A 121 -16.07 -35.15 7.40
N ASP A 122 -17.19 -35.14 6.69
CA ASP A 122 -18.43 -35.69 7.23
C ASP A 122 -19.49 -35.84 6.15
N ASN A 123 -20.31 -36.88 6.28
CA ASN A 123 -21.38 -37.14 5.33
C ASN A 123 -20.88 -37.16 3.88
N GLN A 124 -19.81 -37.90 3.64
CA GLN A 124 -19.24 -37.99 2.30
C GLN A 124 -18.99 -36.62 1.67
N SER A 125 -18.72 -35.62 2.51
CA SER A 125 -18.45 -34.29 2.02
C SER A 125 -17.24 -33.68 2.72
N VAL A 126 -16.75 -32.58 2.18
CA VAL A 126 -15.62 -31.88 2.75
C VAL A 126 -16.06 -30.46 3.08
N TYR A 127 -15.86 -30.06 4.33
CA TYR A 127 -16.26 -28.73 4.80
C TYR A 127 -15.03 -27.86 5.06
N ILE A 128 -14.92 -26.77 4.32
CA ILE A 128 -13.79 -25.85 4.47
C ILE A 128 -14.30 -24.50 4.99
N THR A 129 -13.73 -24.05 6.10
CA THR A 129 -14.13 -22.79 6.69
C THR A 129 -13.31 -21.65 6.11
N VAL A 130 -13.94 -20.87 5.23
CA VAL A 130 -13.27 -19.76 4.58
C VAL A 130 -13.57 -18.44 5.29
N PRO A 131 -12.55 -17.85 5.92
CA PRO A 131 -12.71 -16.59 6.65
C PRO A 131 -12.89 -15.45 5.66
N TYR A 132 -13.60 -14.40 6.07
CA TYR A 132 -13.77 -13.27 5.19
C TYR A 132 -12.52 -12.39 5.20
N SER A 133 -12.18 -11.87 4.03
CA SER A 133 -11.05 -10.97 3.86
C SER A 133 -11.43 -10.06 2.71
N PRO A 134 -11.21 -8.74 2.85
CA PRO A 134 -11.56 -7.81 1.78
C PRO A 134 -10.87 -8.10 0.44
N THR A 135 -9.83 -8.93 0.46
CA THR A 135 -9.11 -9.28 -0.76
C THR A 135 -9.57 -10.64 -1.28
N GLY A 136 -10.41 -11.30 -0.49
CA GLY A 136 -10.92 -12.62 -0.87
C GLY A 136 -9.80 -13.65 -0.94
N TYR A 137 -10.14 -14.83 -1.44
CA TYR A 137 -9.18 -15.91 -1.60
C TYR A 137 -9.42 -16.69 -2.88
N ARG A 138 -8.35 -17.27 -3.39
CA ARG A 138 -8.40 -18.10 -4.59
C ARG A 138 -7.53 -19.30 -4.25
N PHE A 139 -8.15 -20.47 -4.13
CA PHE A 139 -7.41 -21.66 -3.76
C PHE A 139 -7.83 -22.94 -4.47
N SER A 140 -6.97 -23.95 -4.38
CA SER A 140 -7.20 -25.24 -5.01
C SER A 140 -7.46 -26.31 -3.96
N VAL A 141 -8.53 -27.10 -4.16
CA VAL A 141 -8.88 -28.18 -3.25
C VAL A 141 -8.47 -29.46 -3.97
N GLU A 142 -7.47 -30.15 -3.43
CA GLU A 142 -6.94 -31.33 -4.09
C GLU A 142 -7.17 -32.64 -3.34
N PHE A 143 -7.98 -33.51 -3.92
CA PHE A 143 -8.29 -34.80 -3.31
C PHE A 143 -7.13 -35.77 -3.52
N ASP A 144 -6.65 -36.35 -2.42
CA ASP A 144 -5.53 -37.28 -2.49
C ASP A 144 -5.75 -38.42 -3.49
N ASP A 145 -6.95 -38.98 -3.52
CA ASP A 145 -7.22 -40.07 -4.44
C ASP A 145 -7.45 -39.63 -5.88
N ASP A 146 -7.29 -38.34 -6.14
CA ASP A 146 -7.47 -37.80 -7.49
C ASP A 146 -6.12 -37.39 -8.08
N LEU A 147 -5.05 -37.54 -7.31
CA LEU A 147 -3.74 -37.16 -7.80
C LEU A 147 -3.19 -38.15 -8.82
N ILE A 148 -2.50 -37.61 -9.82
CA ILE A 148 -1.88 -38.41 -10.85
C ILE A 148 -0.46 -37.86 -11.03
N SER A 149 0.37 -38.62 -11.73
CA SER A 149 1.75 -38.20 -11.98
C SER A 149 1.87 -37.70 -13.41
N LEU A 150 2.44 -36.50 -13.56
CA LEU A 150 2.60 -35.92 -14.90
C LEU A 150 4.00 -36.18 -15.42
N ALA A 151 4.10 -36.94 -16.50
CA ALA A 151 5.40 -37.26 -17.10
C ALA A 151 5.89 -36.06 -17.91
N PRO A 152 7.21 -35.83 -17.96
CA PRO A 152 8.27 -36.60 -17.32
C PRO A 152 8.75 -36.10 -15.95
N SER A 153 8.13 -35.05 -15.43
CA SER A 153 8.55 -34.54 -14.13
C SER A 153 8.11 -35.44 -12.99
N GLY A 154 6.99 -36.13 -13.16
CA GLY A 154 6.49 -37.00 -12.12
C GLY A 154 5.70 -36.19 -11.09
N ALA A 155 5.48 -34.92 -11.40
CA ALA A 155 4.73 -34.04 -10.50
C ALA A 155 3.37 -34.63 -10.16
N ARG A 156 3.05 -34.64 -8.87
CA ARG A 156 1.77 -35.18 -8.38
C ARG A 156 0.75 -34.06 -8.32
N GLN A 157 -0.26 -34.13 -9.19
CA GLN A 157 -1.29 -33.09 -9.24
C GLN A 157 -2.68 -33.66 -9.45
N PRO A 158 -3.71 -32.87 -9.14
CA PRO A 158 -5.08 -33.34 -9.33
C PRO A 158 -5.32 -33.62 -10.81
N GLU A 159 -6.03 -34.70 -11.10
CA GLU A 159 -6.36 -34.99 -12.49
C GLU A 159 -7.54 -34.08 -12.80
N ASN A 160 -8.37 -33.85 -11.80
CA ASN A 160 -9.56 -33.02 -11.94
C ASN A 160 -9.53 -31.94 -10.86
N ALA A 161 -8.94 -30.81 -11.21
CA ALA A 161 -8.81 -29.71 -10.27
C ALA A 161 -10.13 -29.02 -9.94
N LEU A 162 -10.18 -28.45 -8.74
CA LEU A 162 -11.33 -27.72 -8.25
C LEU A 162 -10.78 -26.47 -7.59
N LEU A 163 -11.13 -25.31 -8.14
CA LEU A 163 -10.68 -24.03 -7.63
C LEU A 163 -11.85 -23.30 -7.00
N ILE A 164 -11.58 -22.63 -5.89
CA ILE A 164 -12.60 -21.87 -5.18
C ILE A 164 -12.21 -20.40 -5.17
N PHE A 165 -13.06 -19.55 -5.73
CA PHE A 165 -12.77 -18.12 -5.77
C PHE A 165 -13.78 -17.35 -4.91
N ALA A 166 -13.39 -17.07 -3.67
CA ALA A 166 -14.24 -16.33 -2.73
C ALA A 166 -13.83 -14.86 -2.84
N SER A 167 -14.76 -14.02 -3.27
CA SER A 167 -14.47 -12.59 -3.46
C SER A 167 -15.41 -11.67 -2.69
N PRO A 168 -14.97 -10.44 -2.43
CA PRO A 168 -15.78 -9.46 -1.70
C PRO A 168 -16.90 -8.93 -2.59
N PHE A 169 -17.90 -8.31 -1.97
CA PHE A 169 -19.01 -7.75 -2.73
C PHE A 169 -18.54 -6.65 -3.65
N GLU A 170 -19.35 -6.37 -4.67
CA GLU A 170 -19.02 -5.35 -5.66
C GLU A 170 -19.53 -3.97 -5.28
N ASN A 171 -18.64 -2.98 -5.24
CA ASN A 171 -19.05 -1.62 -4.90
C ASN A 171 -19.46 -0.86 -6.14
N SER A 172 -19.86 0.40 -5.98
CA SER A 172 -20.32 1.20 -7.12
C SER A 172 -19.24 1.44 -8.18
N SER A 173 -17.99 1.19 -7.84
CA SER A 173 -16.90 1.39 -8.80
C SER A 173 -16.72 0.17 -9.70
N THR A 174 -17.22 -0.99 -9.27
CA THR A 174 -17.07 -2.19 -10.08
C THR A 174 -18.41 -2.75 -10.57
N LYS A 175 -19.51 -2.13 -10.15
CA LYS A 175 -20.83 -2.58 -10.57
C LYS A 175 -21.70 -1.40 -10.95
N PRO A 176 -22.23 -1.40 -12.19
CA PRO A 176 -23.10 -0.31 -12.65
C PRO A 176 -24.27 -0.18 -11.70
N GLN A 177 -24.40 1.01 -11.11
CA GLN A 177 -25.47 1.28 -10.15
C GLN A 177 -26.78 1.57 -10.86
N PRO A 178 -27.90 1.56 -10.11
CA PRO A 178 -29.18 1.83 -10.75
C PRO A 178 -29.13 3.22 -11.37
N GLY A 179 -29.62 3.33 -12.60
CA GLY A 179 -29.60 4.62 -13.28
C GLY A 179 -28.24 4.94 -13.86
N SER A 180 -27.37 3.94 -14.00
CA SER A 180 -26.06 4.18 -14.57
C SER A 180 -26.32 4.80 -15.94
N PRO A 181 -25.68 5.93 -16.24
CA PRO A 181 -25.86 6.63 -17.52
C PRO A 181 -25.46 5.93 -18.81
N ASN A 182 -26.26 6.17 -19.85
CA ASN A 182 -26.02 5.66 -21.19
C ASN A 182 -25.48 4.23 -21.24
N SER A 183 -26.28 3.28 -20.78
CA SER A 183 -25.86 1.88 -20.79
C SER A 183 -26.70 1.03 -21.73
N ILE A 184 -26.21 -0.17 -22.00
CA ILE A 184 -26.92 -1.11 -22.85
C ILE A 184 -26.76 -2.50 -22.22
N ALA A 185 -27.86 -3.24 -22.14
CA ALA A 185 -27.83 -4.57 -21.54
C ALA A 185 -28.31 -5.61 -22.55
N PRO A 186 -27.37 -6.25 -23.26
CA PRO A 186 -27.77 -7.25 -24.25
C PRO A 186 -28.54 -8.43 -23.67
N ALA A 187 -29.46 -8.96 -24.46
CA ALA A 187 -30.25 -10.10 -24.03
C ALA A 187 -29.39 -11.34 -24.22
N PRO A 188 -29.71 -12.43 -23.52
CA PRO A 188 -28.92 -13.66 -23.64
C PRO A 188 -28.86 -14.16 -25.08
N GLY A 189 -27.81 -14.90 -25.42
CA GLY A 189 -27.67 -15.44 -26.76
C GLY A 189 -26.56 -14.77 -27.55
N ARG A 190 -26.69 -14.78 -28.88
CA ARG A 190 -25.69 -14.14 -29.75
C ARG A 190 -25.72 -12.64 -29.47
N VAL A 191 -24.55 -12.04 -29.26
CA VAL A 191 -24.48 -10.62 -28.96
C VAL A 191 -24.02 -9.81 -30.17
N LEU A 192 -24.88 -8.92 -30.64
CA LEU A 192 -24.59 -8.10 -31.81
C LEU A 192 -24.70 -6.60 -31.54
N GLY A 193 -24.03 -5.81 -32.38
CA GLY A 193 -24.11 -4.36 -32.28
C GLY A 193 -23.20 -3.61 -31.32
N LEU A 194 -22.48 -4.31 -30.46
CA LEU A 194 -21.62 -3.61 -29.51
C LEU A 194 -20.49 -2.83 -30.16
N ASN A 195 -20.15 -3.17 -31.40
CA ASN A 195 -19.07 -2.47 -32.09
C ASN A 195 -19.54 -1.15 -32.69
N THR A 196 -20.85 -0.92 -32.69
CA THR A 196 -21.40 0.32 -33.24
C THR A 196 -22.32 1.07 -32.28
N THR A 197 -22.47 0.57 -31.06
CA THR A 197 -23.33 1.21 -30.06
C THR A 197 -22.83 2.58 -29.62
N SER A 198 -23.76 3.44 -29.21
CA SER A 198 -23.40 4.77 -28.74
C SER A 198 -23.31 4.74 -27.22
N ALA A 199 -23.53 3.56 -26.64
CA ALA A 199 -23.47 3.38 -25.20
C ALA A 199 -22.07 3.57 -24.63
N SER A 200 -22.01 3.91 -23.34
CA SER A 200 -20.73 4.12 -22.66
C SER A 200 -20.45 2.91 -21.77
N THR A 201 -21.52 2.21 -21.40
CA THR A 201 -21.40 1.06 -20.53
C THR A 201 -22.21 -0.13 -21.04
N VAL A 202 -21.56 -1.29 -21.08
CA VAL A 202 -22.20 -2.52 -21.53
C VAL A 202 -22.39 -3.40 -20.29
N VAL A 203 -23.62 -3.80 -20.04
CA VAL A 203 -23.94 -4.61 -18.87
C VAL A 203 -24.41 -6.01 -19.24
N PHE A 204 -23.69 -7.01 -18.75
CA PHE A 204 -24.07 -8.40 -19.00
C PHE A 204 -24.69 -8.95 -17.72
N ASN A 205 -26.01 -9.00 -17.68
CA ASN A 205 -26.69 -9.52 -16.50
C ASN A 205 -26.66 -11.05 -16.53
N PRO A 206 -27.07 -11.70 -15.43
CA PRO A 206 -27.06 -13.17 -15.38
C PRO A 206 -27.65 -13.80 -16.63
N GLY A 207 -26.94 -14.76 -17.17
CA GLY A 207 -27.38 -15.43 -18.38
C GLY A 207 -26.18 -15.88 -19.19
N VAL A 208 -26.43 -16.49 -20.34
CA VAL A 208 -25.36 -16.96 -21.21
C VAL A 208 -25.32 -16.17 -22.51
N TYR A 209 -24.12 -15.70 -22.86
CA TYR A 209 -23.93 -14.90 -24.07
C TYR A 209 -22.77 -15.49 -24.88
N TYR A 210 -22.79 -15.29 -26.19
CA TYR A 210 -21.71 -15.79 -27.03
C TYR A 210 -21.53 -14.98 -28.31
N PHE A 211 -20.29 -14.97 -28.79
CA PHE A 211 -19.94 -14.23 -30.00
C PHE A 211 -19.54 -15.17 -31.14
N THR A 212 -19.56 -16.47 -30.86
CA THR A 212 -19.17 -17.53 -31.78
C THR A 212 -17.66 -17.52 -31.93
N GLY A 213 -17.13 -18.54 -32.61
CA GLY A 213 -15.69 -18.62 -32.81
C GLY A 213 -15.21 -17.79 -33.99
N HIS A 214 -16.12 -17.03 -34.61
CA HIS A 214 -15.75 -16.21 -35.76
C HIS A 214 -16.15 -14.74 -35.64
N ASP A 215 -16.15 -14.24 -34.41
CA ASP A 215 -16.47 -12.84 -34.10
C ASP A 215 -16.02 -12.66 -32.66
N HIS A 216 -15.86 -11.43 -32.21
CA HIS A 216 -15.50 -11.22 -30.81
C HIS A 216 -16.09 -9.92 -30.33
N MET A 217 -15.92 -9.61 -29.04
CA MET A 217 -16.49 -8.40 -28.48
C MET A 217 -15.73 -7.13 -28.78
N VAL A 218 -15.90 -6.62 -29.99
CA VAL A 218 -15.27 -5.37 -30.39
C VAL A 218 -16.19 -4.31 -29.80
N LEU A 219 -15.68 -3.51 -28.88
CA LEU A 219 -16.47 -2.46 -28.25
C LEU A 219 -16.27 -1.12 -28.92
N SER A 220 -17.36 -0.47 -29.32
CA SER A 220 -17.31 0.84 -29.99
C SER A 220 -16.45 1.82 -29.21
N SER A 221 -16.01 2.88 -29.88
CA SER A 221 -15.16 3.89 -29.26
C SER A 221 -15.81 4.60 -28.07
N SER A 222 -17.14 4.53 -27.94
CA SER A 222 -17.80 5.20 -26.83
C SER A 222 -17.87 4.33 -25.57
N VAL A 223 -17.63 3.04 -25.72
CA VAL A 223 -17.69 2.12 -24.58
C VAL A 223 -16.44 2.20 -23.70
N THR A 224 -16.62 2.60 -22.45
CA THR A 224 -15.50 2.71 -21.52
C THR A 224 -15.65 1.77 -20.34
N TRP A 225 -16.71 0.97 -20.34
CA TRP A 225 -16.96 0.05 -19.26
C TRP A 225 -17.77 -1.16 -19.70
N VAL A 226 -17.24 -2.36 -19.48
CA VAL A 226 -17.96 -3.58 -19.80
C VAL A 226 -18.04 -4.31 -18.47
N TYR A 227 -19.25 -4.70 -18.09
CA TYR A 227 -19.50 -5.36 -16.83
C TYR A 227 -20.04 -6.77 -16.97
N PHE A 228 -19.41 -7.71 -16.27
CA PHE A 228 -19.83 -9.11 -16.29
C PHE A 228 -20.41 -9.43 -14.91
N ALA A 229 -21.73 -9.44 -14.82
CA ALA A 229 -22.37 -9.72 -13.55
C ALA A 229 -22.12 -11.12 -13.02
N PRO A 230 -22.18 -11.29 -11.70
CA PRO A 230 -21.97 -12.62 -11.14
C PRO A 230 -23.14 -13.41 -11.73
N GLY A 231 -22.87 -14.55 -12.35
CA GLY A 231 -23.96 -15.31 -12.94
C GLY A 231 -24.05 -15.12 -14.44
N ALA A 232 -23.20 -14.24 -14.98
CA ALA A 232 -23.14 -14.01 -16.41
C ALA A 232 -21.99 -14.84 -16.95
N TYR A 233 -22.22 -15.51 -18.08
CA TYR A 233 -21.18 -16.32 -18.71
C TYR A 233 -21.12 -15.89 -20.17
N VAL A 234 -20.05 -15.21 -20.52
CA VAL A 234 -19.86 -14.67 -21.85
C VAL A 234 -18.76 -15.38 -22.63
N LYS A 235 -19.13 -16.00 -23.74
CA LYS A 235 -18.17 -16.68 -24.59
C LYS A 235 -17.73 -15.63 -25.62
N GLY A 236 -16.48 -15.21 -25.52
CA GLY A 236 -15.95 -14.22 -26.44
C GLY A 236 -14.61 -13.69 -25.97
N ALA A 237 -14.17 -12.59 -26.58
CA ALA A 237 -12.90 -11.94 -26.25
C ALA A 237 -13.16 -10.44 -26.37
N VAL A 238 -12.58 -9.66 -25.46
CA VAL A 238 -12.80 -8.22 -25.44
C VAL A 238 -11.73 -7.33 -26.10
N GLU A 239 -12.21 -6.38 -26.91
CA GLU A 239 -11.33 -5.43 -27.56
C GLU A 239 -11.96 -4.03 -27.50
N PHE A 240 -11.32 -3.12 -26.77
CA PHE A 240 -11.80 -1.75 -26.66
C PHE A 240 -11.28 -0.92 -27.82
N LEU A 241 -12.13 -0.06 -28.37
CA LEU A 241 -11.71 0.83 -29.44
C LEU A 241 -11.54 2.23 -28.85
N SER A 242 -12.01 2.41 -27.62
CA SER A 242 -11.91 3.71 -26.95
C SER A 242 -10.48 4.11 -26.61
N THR A 243 -10.16 5.38 -26.85
CA THR A 243 -8.83 5.90 -26.53
C THR A 243 -8.94 6.84 -25.33
N ALA A 244 -10.03 6.70 -24.59
CA ALA A 244 -10.30 7.54 -23.41
C ALA A 244 -9.34 7.31 -22.24
N SER A 245 -9.42 8.19 -21.25
CA SER A 245 -8.56 8.12 -20.06
C SER A 245 -8.65 6.80 -19.32
N GLU A 246 -9.81 6.16 -19.40
CA GLU A 246 -10.00 4.87 -18.73
C GLU A 246 -10.94 3.94 -19.47
N VAL A 247 -10.57 2.67 -19.52
CA VAL A 247 -11.42 1.62 -20.09
C VAL A 247 -11.44 0.61 -18.96
N LYS A 248 -12.63 0.09 -18.66
CA LYS A 248 -12.77 -0.83 -17.55
C LYS A 248 -13.59 -2.08 -17.82
N ALA A 249 -13.16 -3.17 -17.21
CA ALA A 249 -13.85 -4.45 -17.32
C ALA A 249 -13.95 -4.91 -15.87
N SER A 250 -15.16 -5.13 -15.40
CA SER A 250 -15.34 -5.56 -14.02
C SER A 250 -16.51 -6.50 -13.87
N GLY A 251 -16.73 -6.96 -12.64
CA GLY A 251 -17.81 -7.89 -12.37
C GLY A 251 -17.21 -9.26 -12.15
N HIS A 252 -17.95 -10.14 -11.46
CA HIS A 252 -17.41 -11.47 -11.20
C HIS A 252 -17.91 -12.56 -12.12
N GLY A 253 -18.41 -12.15 -13.29
CA GLY A 253 -18.87 -13.10 -14.27
C GLY A 253 -17.67 -13.71 -14.99
N VAL A 254 -17.96 -14.51 -16.00
CA VAL A 254 -16.91 -15.20 -16.75
C VAL A 254 -16.81 -14.79 -18.22
N LEU A 255 -15.58 -14.59 -18.70
CA LEU A 255 -15.35 -14.28 -20.11
C LEU A 255 -14.56 -15.50 -20.57
N SER A 256 -15.16 -16.31 -21.44
CA SER A 256 -14.52 -17.55 -21.92
C SER A 256 -14.18 -17.58 -23.39
N GLY A 257 -12.96 -17.99 -23.72
CA GLY A 257 -12.55 -18.06 -25.12
C GLY A 257 -12.67 -19.45 -25.70
N GLU A 258 -13.49 -20.30 -25.08
CA GLU A 258 -13.67 -21.70 -25.51
C GLU A 258 -14.14 -21.92 -26.95
N GLN A 259 -14.76 -20.91 -27.57
CA GLN A 259 -15.23 -21.09 -28.94
C GLN A 259 -14.16 -20.84 -29.99
N TYR A 260 -13.01 -20.29 -29.57
CA TYR A 260 -11.93 -19.99 -30.49
C TYR A 260 -10.89 -21.10 -30.56
N VAL A 261 -10.41 -21.39 -31.77
CA VAL A 261 -9.38 -22.40 -31.93
C VAL A 261 -8.08 -21.75 -31.45
N TRP A 262 -7.09 -22.57 -31.11
CA TRP A 262 -5.81 -22.03 -30.66
C TRP A 262 -5.25 -21.06 -31.70
N TYR A 263 -4.71 -19.94 -31.24
CA TYR A 263 -4.11 -18.95 -32.12
C TYR A 263 -5.08 -18.37 -33.14
N ALA A 264 -6.38 -18.37 -32.83
CA ALA A 264 -7.38 -17.83 -33.75
C ALA A 264 -6.97 -16.42 -34.16
N ASP A 265 -6.96 -16.16 -35.47
CA ASP A 265 -6.55 -14.87 -36.02
C ASP A 265 -7.77 -14.06 -36.48
N PRO A 266 -8.09 -12.96 -35.76
CA PRO A 266 -9.24 -12.12 -36.08
C PRO A 266 -9.18 -11.48 -37.48
N ASP A 267 -7.97 -11.36 -38.02
CA ASP A 267 -7.81 -10.76 -39.34
C ASP A 267 -7.91 -11.79 -40.46
N GLU A 268 -8.07 -13.06 -40.09
CA GLU A 268 -8.18 -14.13 -41.08
C GLU A 268 -9.35 -15.09 -40.77
N GLY A 269 -10.53 -14.53 -40.55
CA GLY A 269 -11.70 -15.35 -40.28
C GLY A 269 -11.63 -16.19 -39.01
N TYR A 270 -10.71 -15.80 -38.12
CA TYR A 270 -10.53 -16.49 -36.84
C TYR A 270 -9.99 -17.90 -36.96
N GLN A 271 -9.33 -18.18 -38.09
CA GLN A 271 -8.73 -19.49 -38.30
C GLN A 271 -7.37 -19.43 -37.62
N LYS A 272 -6.77 -20.58 -37.35
CA LYS A 272 -5.46 -20.61 -36.73
C LYS A 272 -4.52 -19.72 -37.54
N ALA A 273 -3.82 -18.83 -36.85
CA ALA A 273 -2.90 -17.92 -37.53
C ALA A 273 -1.85 -18.67 -38.34
N SER A 274 -1.45 -18.08 -39.46
CA SER A 274 -0.45 -18.66 -40.35
C SER A 274 0.96 -18.20 -39.94
N GLY A 275 1.91 -19.11 -40.02
CA GLY A 275 3.30 -18.79 -39.69
C GLY A 275 3.56 -18.12 -38.35
N ALA A 276 2.87 -18.56 -37.30
CA ALA A 276 3.05 -17.98 -35.97
C ALA A 276 3.25 -16.47 -36.06
N ASN A 277 2.29 -15.79 -36.68
CA ASN A 277 2.37 -14.35 -36.89
C ASN A 277 2.10 -13.49 -35.65
N ASN A 278 1.93 -14.12 -34.50
CA ASN A 278 1.68 -13.41 -33.25
C ASN A 278 0.34 -12.65 -33.23
N ASN A 279 -0.56 -12.96 -34.15
CA ASN A 279 -1.84 -12.26 -34.18
C ASN A 279 -2.99 -13.06 -33.58
N GLY A 280 -2.68 -13.98 -32.68
CA GLY A 280 -3.72 -14.75 -32.03
C GLY A 280 -4.62 -13.82 -31.24
N LEU A 281 -5.89 -14.17 -31.11
CA LEU A 281 -6.85 -13.34 -30.40
C LEU A 281 -6.59 -13.22 -28.90
N ARG A 282 -6.41 -11.99 -28.43
CA ARG A 282 -6.19 -11.73 -27.02
C ARG A 282 -7.55 -11.66 -26.32
N MET A 283 -7.60 -12.02 -25.04
CA MET A 283 -8.85 -11.95 -24.29
C MET A 283 -9.13 -10.50 -23.89
N TRP A 284 -8.07 -9.72 -23.72
CA TRP A 284 -8.18 -8.29 -23.37
C TRP A 284 -7.28 -7.53 -24.35
N ARG A 285 -7.86 -6.62 -25.11
CA ARG A 285 -7.10 -5.84 -26.09
C ARG A 285 -7.63 -4.41 -26.16
N GLY A 286 -6.72 -3.46 -26.34
CA GLY A 286 -7.10 -2.07 -26.47
C GLY A 286 -6.14 -1.41 -27.45
N THR A 287 -6.43 -0.18 -27.86
CA THR A 287 -5.55 0.54 -28.79
C THR A 287 -5.42 1.98 -28.32
N LEU A 288 -4.20 2.40 -28.04
CA LEU A 288 -3.95 3.75 -27.56
C LEU A 288 -4.07 4.86 -28.60
N GLY A 289 -4.29 6.07 -28.11
CA GLY A 289 -4.37 7.24 -28.94
C GLY A 289 -3.11 8.00 -28.59
N ASN A 290 -3.16 9.32 -28.53
CA ASN A 290 -1.98 10.09 -28.19
C ASN A 290 -2.01 10.55 -26.73
N SER A 291 -2.91 9.96 -25.95
CA SER A 291 -3.05 10.32 -24.55
C SER A 291 -3.07 9.12 -23.62
N SER A 292 -2.72 9.34 -22.37
CA SER A 292 -2.68 8.27 -21.37
C SER A 292 -4.00 7.56 -21.17
N GLN A 293 -3.92 6.25 -20.91
CA GLN A 293 -5.09 5.43 -20.68
C GLN A 293 -4.84 4.44 -19.57
N THR A 294 -5.85 4.24 -18.72
CA THR A 294 -5.75 3.29 -17.61
C THR A 294 -6.72 2.15 -17.87
N PHE A 295 -6.22 0.93 -17.79
CA PHE A 295 -7.07 -0.25 -17.95
C PHE A 295 -7.36 -0.79 -16.55
N VAL A 296 -8.62 -0.70 -16.15
CA VAL A 296 -9.06 -1.20 -14.86
C VAL A 296 -9.71 -2.55 -15.13
N LEU A 297 -9.19 -3.59 -14.48
CA LEU A 297 -9.70 -4.96 -14.63
C LEU A 297 -9.97 -5.45 -13.22
N ASN A 298 -11.23 -5.74 -12.92
CA ASN A 298 -11.58 -6.14 -11.56
C ASN A 298 -12.64 -7.24 -11.48
N GLY A 299 -12.33 -8.28 -10.70
CA GLY A 299 -13.27 -9.36 -10.46
C GLY A 299 -13.49 -10.47 -11.47
N VAL A 300 -13.34 -10.16 -12.75
CA VAL A 300 -13.59 -11.11 -13.83
C VAL A 300 -12.77 -12.41 -13.81
N THR A 301 -13.39 -13.48 -14.29
CA THR A 301 -12.72 -14.76 -14.43
C THR A 301 -12.61 -14.96 -15.94
N VAL A 302 -11.38 -15.16 -16.42
CA VAL A 302 -11.15 -15.43 -17.84
C VAL A 302 -10.86 -16.91 -17.93
N SER A 303 -11.51 -17.60 -18.85
CA SER A 303 -11.28 -19.03 -19.02
C SER A 303 -10.96 -19.33 -20.48
N ALA A 304 -10.16 -20.36 -20.68
CA ALA A 304 -9.81 -20.84 -22.01
C ALA A 304 -9.31 -19.80 -23.04
N PRO A 305 -8.24 -19.07 -22.72
CA PRO A 305 -7.72 -18.10 -23.68
C PRO A 305 -7.14 -18.84 -24.89
N PRO A 306 -7.40 -18.37 -26.12
CA PRO A 306 -6.86 -19.04 -27.29
C PRO A 306 -5.41 -18.65 -27.59
N PHE A 307 -4.90 -17.63 -26.91
CA PHE A 307 -3.53 -17.17 -27.14
C PHE A 307 -3.10 -16.37 -25.90
N ASN A 308 -2.22 -15.39 -26.10
CA ASN A 308 -1.77 -14.53 -25.00
C ASN A 308 -3.02 -13.92 -24.37
N SER A 309 -3.06 -13.82 -23.06
CA SER A 309 -4.27 -13.28 -22.44
C SER A 309 -4.52 -11.80 -22.72
N MET A 310 -3.45 -11.03 -22.90
CA MET A 310 -3.64 -9.59 -23.10
C MET A 310 -2.46 -8.84 -23.68
N ASP A 311 -2.78 -7.85 -24.52
CA ASP A 311 -1.81 -6.96 -25.15
C ASP A 311 -2.56 -5.76 -25.70
N TRP A 312 -1.99 -4.58 -25.53
CA TRP A 312 -2.57 -3.36 -26.06
C TRP A 312 -1.83 -3.02 -27.36
N SER A 313 -2.54 -2.37 -28.28
CA SER A 313 -1.95 -1.98 -29.55
C SER A 313 -1.51 -0.53 -29.44
N GLY A 314 -0.40 -0.19 -30.09
CA GLY A 314 0.08 1.18 -30.04
C GLY A 314 1.57 1.23 -30.24
N ASN A 315 2.05 2.37 -30.73
CA ASN A 315 3.48 2.55 -30.97
C ASN A 315 4.18 2.83 -29.65
N SER A 316 3.50 3.57 -28.76
CA SER A 316 4.06 3.92 -27.46
C SER A 316 3.22 3.36 -26.31
N LEU A 317 3.69 2.27 -25.72
CA LEU A 317 2.95 1.65 -24.63
C LEU A 317 3.28 2.28 -23.28
N ASP A 318 4.05 3.37 -23.29
CA ASP A 318 4.39 4.04 -22.05
C ASP A 318 3.22 4.86 -21.52
N LEU A 319 2.18 5.03 -22.35
CA LEU A 319 1.02 5.82 -21.96
C LEU A 319 -0.12 5.01 -21.37
N ILE A 320 0.04 3.69 -21.29
CA ILE A 320 -0.99 2.83 -20.73
C ILE A 320 -0.53 2.29 -19.38
N THR A 321 -1.47 2.12 -18.46
CA THR A 321 -1.16 1.57 -17.15
C THR A 321 -2.34 0.71 -16.77
N CYS A 322 -2.13 -0.23 -15.85
CA CYS A 322 -3.19 -1.14 -15.45
C CYS A 322 -3.46 -1.13 -13.95
N ARG A 323 -4.71 -1.37 -13.59
CA ARG A 323 -5.13 -1.47 -12.20
C ARG A 323 -5.95 -2.76 -12.17
N VAL A 324 -5.31 -3.84 -11.76
CA VAL A 324 -5.90 -5.17 -11.72
C VAL A 324 -6.11 -5.69 -10.32
N ASP A 325 -7.31 -6.22 -10.06
CA ASP A 325 -7.64 -6.75 -8.74
C ASP A 325 -8.65 -7.88 -8.79
N ASP A 326 -8.49 -8.86 -7.91
CA ASP A 326 -9.47 -9.93 -7.78
C ASP A 326 -9.82 -10.52 -9.14
N TYR A 327 -8.79 -10.90 -9.88
CA TYR A 327 -8.93 -11.42 -11.24
C TYR A 327 -8.35 -12.82 -11.39
N LYS A 328 -8.99 -13.65 -12.21
CA LYS A 328 -8.51 -15.01 -12.40
C LYS A 328 -8.47 -15.47 -13.86
N GLN A 329 -7.50 -16.34 -14.15
CA GLN A 329 -7.37 -16.94 -15.47
C GLN A 329 -7.35 -18.45 -15.22
N VAL A 330 -8.33 -19.16 -15.80
CA VAL A 330 -8.44 -20.59 -15.64
C VAL A 330 -8.58 -21.33 -16.98
N GLY A 331 -8.42 -22.66 -16.92
CA GLY A 331 -8.56 -23.50 -18.10
C GLY A 331 -7.68 -23.11 -19.28
N ALA A 332 -6.48 -22.62 -18.98
CA ALA A 332 -5.54 -22.17 -19.99
C ALA A 332 -4.61 -23.31 -20.40
N PHE A 333 -5.19 -24.37 -20.97
CA PHE A 333 -4.39 -25.52 -21.37
C PHE A 333 -3.55 -25.34 -22.64
N TYR A 334 -3.86 -24.33 -23.45
CA TYR A 334 -3.10 -24.11 -24.67
C TYR A 334 -1.75 -23.46 -24.42
N GLY A 335 -0.82 -23.68 -25.34
CA GLY A 335 0.48 -23.05 -25.19
C GLY A 335 0.33 -21.56 -25.46
N GLN A 336 1.33 -20.78 -25.06
CA GLN A 336 1.36 -19.34 -25.26
C GLN A 336 0.18 -18.59 -24.65
N THR A 337 -0.29 -19.08 -23.51
CA THR A 337 -1.41 -18.46 -22.81
C THR A 337 -0.88 -17.57 -21.68
N ASP A 338 -0.08 -16.58 -22.06
CA ASP A 338 0.54 -15.62 -21.14
C ASP A 338 -0.37 -14.90 -20.17
N GLY A 339 0.21 -14.50 -19.05
CA GLY A 339 -0.52 -13.72 -18.05
C GLY A 339 -0.63 -12.32 -18.64
N LEU A 340 -1.23 -11.40 -17.89
CA LEU A 340 -1.42 -10.05 -18.37
C LEU A 340 -0.15 -9.23 -18.54
N GLU A 341 -0.25 -8.16 -19.33
CA GLU A 341 0.89 -7.26 -19.46
C GLU A 341 0.69 -6.28 -18.29
N MET A 342 1.77 -5.92 -17.63
CA MET A 342 1.68 -4.96 -16.54
C MET A 342 2.47 -3.74 -17.01
N TYR A 343 1.75 -2.81 -17.64
CA TYR A 343 2.36 -1.61 -18.19
C TYR A 343 2.88 -0.66 -17.10
N PRO A 344 3.70 0.34 -17.48
CA PRO A 344 4.23 1.26 -16.47
C PRO A 344 3.26 1.76 -15.39
N GLY A 345 3.70 1.66 -14.13
CA GLY A 345 2.89 2.13 -13.01
C GLY A 345 1.80 1.19 -12.54
N THR A 346 1.68 0.04 -13.18
CA THR A 346 0.65 -0.93 -12.82
C THR A 346 0.66 -1.39 -11.37
N ILE A 347 -0.54 -1.61 -10.84
CA ILE A 347 -0.70 -2.17 -9.51
C ILE A 347 -1.61 -3.36 -9.79
N LEU A 348 -1.11 -4.56 -9.54
CA LEU A 348 -1.87 -5.79 -9.75
C LEU A 348 -1.85 -6.58 -8.45
N GLN A 349 -3.01 -7.03 -7.99
CA GLN A 349 -3.06 -7.77 -6.74
C GLN A 349 -4.24 -8.71 -6.63
N ASP A 350 -4.09 -9.73 -5.80
CA ASP A 350 -5.12 -10.74 -5.55
C ASP A 350 -5.56 -11.39 -6.85
N VAL A 351 -4.63 -12.09 -7.48
CA VAL A 351 -4.87 -12.72 -8.77
C VAL A 351 -4.53 -14.21 -8.78
N PHE A 352 -5.25 -14.95 -9.61
CA PHE A 352 -4.99 -16.38 -9.79
C PHE A 352 -4.68 -16.59 -11.26
N TYR A 353 -3.55 -17.25 -11.53
CA TYR A 353 -3.15 -17.53 -12.90
C TYR A 353 -2.89 -19.00 -13.19
N HIS A 354 -3.60 -19.54 -14.17
CA HIS A 354 -3.34 -20.89 -14.64
C HIS A 354 -2.73 -20.49 -15.98
N THR A 355 -1.46 -20.82 -16.22
CA THR A 355 -0.81 -20.41 -17.46
C THR A 355 0.20 -21.41 -18.01
N ASP A 356 0.26 -21.52 -19.33
CA ASP A 356 1.21 -22.43 -19.97
C ASP A 356 2.31 -21.65 -20.69
N ASP A 357 2.56 -20.42 -20.27
CA ASP A 357 3.66 -19.64 -20.85
C ASP A 357 4.06 -18.52 -19.88
N ASP A 358 4.73 -17.49 -20.37
CA ASP A 358 5.18 -16.40 -19.48
C ASP A 358 4.11 -15.96 -18.48
N GLY A 359 4.42 -16.07 -17.19
CA GLY A 359 3.47 -15.73 -16.14
C GLY A 359 3.43 -14.27 -15.75
N LEU A 360 4.41 -13.85 -14.97
CA LEU A 360 4.53 -12.46 -14.53
C LEU A 360 5.56 -11.86 -15.48
N LYS A 361 5.06 -11.09 -16.44
CA LYS A 361 5.92 -10.46 -17.44
C LYS A 361 6.45 -9.10 -16.96
N MET A 362 7.69 -9.11 -16.47
CA MET A 362 8.34 -7.92 -15.94
C MET A 362 9.04 -7.16 -17.06
N TYR A 363 8.24 -6.42 -17.83
CA TYR A 363 8.73 -5.65 -18.97
C TYR A 363 8.65 -4.14 -18.78
N TYR A 364 7.98 -3.69 -17.73
CA TYR A 364 7.81 -2.26 -17.53
C TYR A 364 8.15 -1.77 -16.13
N SER A 365 8.51 -0.50 -16.05
CA SER A 365 8.91 0.14 -14.81
C SER A 365 7.77 0.54 -13.86
N ASN A 366 8.13 0.73 -12.59
CA ASN A 366 7.20 1.15 -11.55
C ASN A 366 5.99 0.25 -11.39
N VAL A 367 6.21 -1.05 -11.48
CA VAL A 367 5.14 -2.02 -11.36
C VAL A 367 5.17 -2.70 -9.99
N THR A 368 3.98 -2.92 -9.44
CA THR A 368 3.84 -3.58 -8.15
C THR A 368 2.79 -4.65 -8.31
N ALA A 369 3.16 -5.89 -8.01
CA ALA A 369 2.27 -7.02 -8.12
C ALA A 369 2.37 -7.81 -6.84
N ARG A 370 1.24 -8.09 -6.20
CA ARG A 370 1.29 -8.84 -4.96
C ARG A 370 0.09 -9.76 -4.75
N ASN A 371 0.29 -10.77 -3.92
CA ASN A 371 -0.77 -11.72 -3.57
C ASN A 371 -1.27 -12.46 -4.80
N ILE A 372 -0.39 -13.27 -5.36
CA ILE A 372 -0.70 -14.03 -6.57
C ILE A 372 -0.54 -15.53 -6.35
N VAL A 373 -1.50 -16.29 -6.88
CA VAL A 373 -1.45 -17.75 -6.80
C VAL A 373 -1.31 -18.18 -8.25
N MET A 374 -0.31 -18.99 -8.56
CA MET A 374 -0.10 -19.43 -9.92
C MET A 374 0.01 -20.94 -10.07
N TRP A 375 -0.73 -21.47 -11.02
CA TRP A 375 -0.67 -22.89 -11.33
C TRP A 375 0.10 -22.87 -12.66
N LYS A 376 1.42 -22.91 -12.56
CA LYS A 376 2.27 -22.92 -13.75
C LYS A 376 2.17 -24.29 -14.40
N GLU A 377 2.00 -24.31 -15.71
CA GLU A 377 1.89 -25.56 -16.42
C GLU A 377 3.25 -26.12 -16.86
N SER A 378 3.54 -26.18 -18.15
CA SER A 378 4.81 -26.77 -18.58
C SER A 378 5.80 -25.91 -19.37
N VAL A 379 5.44 -24.67 -19.68
CA VAL A 379 6.32 -23.82 -20.47
C VAL A 379 6.55 -22.43 -19.91
N ALA A 380 7.76 -21.92 -20.13
CA ALA A 380 8.18 -20.58 -19.70
C ALA A 380 8.37 -20.39 -18.21
N PRO A 381 9.19 -19.40 -17.82
CA PRO A 381 9.43 -19.15 -16.40
C PRO A 381 8.22 -18.54 -15.69
N VAL A 382 8.25 -18.57 -14.36
CA VAL A 382 7.18 -17.99 -13.56
C VAL A 382 7.22 -16.47 -13.78
N VAL A 383 8.44 -15.92 -13.68
CA VAL A 383 8.70 -14.50 -13.91
C VAL A 383 9.56 -14.42 -15.17
N GLU A 384 9.19 -13.55 -16.11
CA GLU A 384 9.93 -13.41 -17.35
C GLU A 384 10.43 -12.00 -17.59
N PHE A 385 11.71 -11.86 -17.91
CA PHE A 385 12.25 -10.55 -18.25
C PHE A 385 13.33 -10.63 -19.33
N GLY A 386 13.18 -11.62 -20.20
CA GLY A 386 14.09 -11.81 -21.32
C GLY A 386 13.39 -11.39 -22.61
N TRP A 387 13.72 -12.05 -23.72
CA TRP A 387 13.14 -11.76 -25.04
C TRP A 387 13.66 -10.49 -25.72
N THR A 388 13.69 -9.39 -24.98
CA THR A 388 14.13 -8.11 -25.54
C THR A 388 14.81 -7.26 -24.48
N PRO A 389 16.01 -6.72 -24.78
CA PRO A 389 16.67 -5.89 -23.77
C PRO A 389 15.82 -4.65 -23.50
N ARG A 390 15.72 -4.28 -22.23
CA ARG A 390 14.89 -3.14 -21.85
C ARG A 390 15.51 -2.31 -20.74
N ASN A 391 14.98 -1.10 -20.59
CA ASN A 391 15.36 -0.22 -19.49
C ASN A 391 14.14 -0.37 -18.58
N THR A 392 14.33 -1.06 -17.47
CA THR A 392 13.23 -1.28 -16.53
C THR A 392 13.72 -1.06 -15.11
N GLU A 393 12.93 -0.35 -14.31
CA GLU A 393 13.35 -0.10 -12.93
C GLU A 393 12.18 0.05 -11.98
N ASN A 394 12.47 -0.18 -10.71
CA ASN A 394 11.50 -0.07 -9.62
C ASN A 394 10.33 -1.01 -9.73
N VAL A 395 10.59 -2.29 -9.52
CA VAL A 395 9.55 -3.31 -9.59
C VAL A 395 9.53 -4.11 -8.30
N LEU A 396 8.33 -4.43 -7.85
CA LEU A 396 8.15 -5.24 -6.67
C LEU A 396 7.09 -6.31 -6.91
N PHE A 397 7.50 -7.58 -6.81
CA PHE A 397 6.58 -8.71 -6.93
C PHE A 397 6.66 -9.31 -5.53
N ASP A 398 5.54 -9.34 -4.80
CA ASP A 398 5.56 -9.87 -3.44
C ASP A 398 4.41 -10.84 -3.18
N ASN A 399 4.71 -11.88 -2.40
CA ASN A 399 3.71 -12.87 -2.02
C ASN A 399 3.13 -13.59 -3.25
N VAL A 400 3.97 -14.40 -3.86
CA VAL A 400 3.58 -15.17 -5.04
C VAL A 400 3.74 -16.66 -4.71
N ASP A 401 2.63 -17.38 -4.73
CA ASP A 401 2.67 -18.80 -4.43
C ASP A 401 2.44 -19.59 -5.71
N VAL A 402 3.49 -20.26 -6.17
CA VAL A 402 3.39 -21.10 -7.36
C VAL A 402 3.00 -22.45 -6.77
N ILE A 403 1.71 -22.76 -6.81
CA ILE A 403 1.23 -24.01 -6.23
C ILE A 403 1.55 -25.27 -7.01
N HIS A 404 1.88 -25.12 -8.30
CA HIS A 404 2.21 -26.25 -9.14
C HIS A 404 3.10 -25.85 -10.31
N GLN A 405 3.88 -26.81 -10.79
CA GLN A 405 4.77 -26.66 -11.94
C GLN A 405 4.83 -28.06 -12.53
N ALA A 406 4.97 -28.16 -13.86
CA ALA A 406 5.06 -29.45 -14.51
C ALA A 406 5.91 -29.37 -15.77
N TYR A 407 7.13 -28.85 -15.64
CA TYR A 407 8.03 -28.73 -16.78
C TYR A 407 8.47 -30.10 -17.29
N ALA A 408 9.02 -30.14 -18.50
CA ALA A 408 9.46 -31.41 -19.09
C ALA A 408 10.91 -31.44 -19.54
N ASN A 409 11.43 -30.30 -19.97
CA ASN A 409 12.82 -30.22 -20.43
C ASN A 409 13.36 -28.79 -20.47
N ALA A 410 14.67 -28.67 -20.71
CA ALA A 410 15.33 -27.36 -20.75
C ALA A 410 14.74 -26.45 -21.81
N GLY A 411 14.28 -27.05 -22.91
CA GLY A 411 13.69 -26.28 -23.99
C GLY A 411 12.42 -25.53 -23.61
N ASN A 412 11.81 -25.92 -22.49
CA ASN A 412 10.59 -25.25 -22.03
C ASN A 412 10.94 -23.92 -21.35
N ASN A 413 12.24 -23.67 -21.19
CA ASN A 413 12.71 -22.45 -20.51
C ASN A 413 12.12 -22.37 -19.10
N PRO A 414 12.36 -23.42 -18.30
CA PRO A 414 11.85 -23.50 -16.92
C PRO A 414 12.55 -22.54 -15.98
N GLY A 415 12.01 -22.40 -14.78
CA GLY A 415 12.61 -21.53 -13.78
C GLY A 415 11.65 -20.58 -13.11
N ILE A 416 11.92 -20.26 -11.85
CA ILE A 416 11.05 -19.32 -11.15
C ILE A 416 11.35 -17.92 -11.70
N PHE A 417 12.62 -17.52 -11.65
CA PHE A 417 13.01 -16.21 -12.18
C PHE A 417 13.80 -16.43 -13.46
N GLY A 418 13.17 -16.11 -14.60
CA GLY A 418 13.86 -16.33 -15.85
C GLY A 418 13.89 -15.19 -16.85
N ALA A 419 14.93 -15.21 -17.67
CA ALA A 419 15.09 -14.23 -18.73
C ALA A 419 15.64 -15.01 -19.90
N VAL A 420 14.76 -15.37 -20.84
CA VAL A 420 15.17 -16.14 -22.01
C VAL A 420 15.97 -15.27 -22.98
N ASN A 421 16.46 -15.90 -24.05
CA ASN A 421 17.28 -15.24 -25.07
C ASN A 421 16.54 -14.14 -25.86
N ASN A 422 17.25 -13.52 -26.78
CA ASN A 422 16.71 -12.43 -27.63
C ASN A 422 15.82 -13.05 -28.72
N TYR A 423 14.54 -12.70 -28.69
CA TYR A 423 13.58 -13.26 -29.65
C TYR A 423 13.91 -13.00 -31.12
N LEU A 424 14.61 -11.90 -31.40
CA LEU A 424 14.95 -11.57 -32.77
C LEU A 424 15.95 -12.56 -33.37
N TYR A 425 16.74 -13.21 -32.51
CA TYR A 425 17.74 -14.15 -32.98
C TYR A 425 17.53 -15.58 -32.51
N ALA A 426 16.70 -15.75 -31.48
CA ALA A 426 16.42 -17.08 -30.94
C ALA A 426 14.93 -17.09 -30.58
N PRO A 427 14.06 -17.21 -31.60
CA PRO A 427 12.60 -17.23 -31.41
C PRO A 427 12.04 -18.15 -30.33
N ASP A 428 12.69 -19.28 -30.08
CA ASP A 428 12.18 -20.18 -29.04
C ASP A 428 12.80 -19.89 -27.67
N GLY A 429 13.62 -18.84 -27.62
CA GLY A 429 14.22 -18.42 -26.37
C GLY A 429 15.44 -19.13 -25.81
N LEU A 430 15.90 -20.20 -26.46
CA LEU A 430 17.06 -20.92 -25.97
C LEU A 430 18.14 -21.04 -27.03
N SER A 431 19.30 -20.46 -26.74
CA SER A 431 20.43 -20.49 -27.67
C SER A 431 21.74 -20.23 -26.95
N SER A 432 22.79 -20.90 -27.39
CA SER A 432 24.11 -20.72 -26.78
C SER A 432 24.74 -19.39 -27.19
N ASN A 433 24.11 -18.68 -28.11
CA ASN A 433 24.60 -17.38 -28.55
C ASN A 433 24.19 -16.34 -27.52
N HIS A 434 25.16 -15.79 -26.79
CA HIS A 434 24.87 -14.77 -25.78
C HIS A 434 25.52 -13.45 -26.15
N SER A 435 25.57 -13.16 -27.45
CA SER A 435 26.19 -11.93 -27.92
C SER A 435 25.26 -11.01 -28.69
N THR A 436 24.00 -10.95 -28.25
CA THR A 436 23.02 -10.09 -28.90
C THR A 436 22.35 -9.18 -27.88
N GLY A 437 23.07 -8.87 -26.81
CA GLY A 437 22.52 -8.01 -25.78
C GLY A 437 22.71 -6.54 -26.06
N ASN A 438 22.33 -5.70 -25.10
CA ASN A 438 22.47 -4.25 -25.24
C ASN A 438 23.13 -3.73 -23.98
N SER A 439 24.40 -3.34 -24.08
CA SER A 439 25.15 -2.82 -22.94
C SER A 439 24.73 -1.41 -22.54
N ASN A 440 23.84 -0.80 -23.32
CA ASN A 440 23.38 0.55 -23.03
C ASN A 440 22.07 0.60 -22.26
N MET A 441 21.51 -0.56 -21.92
CA MET A 441 20.27 -0.61 -21.16
C MET A 441 20.47 -1.34 -19.85
N THR A 442 19.65 -1.02 -18.87
CA THR A 442 19.75 -1.65 -17.55
C THR A 442 18.40 -1.90 -16.89
N VAL A 443 18.30 -3.05 -16.22
CA VAL A 443 17.12 -3.42 -15.45
C VAL A 443 17.63 -3.19 -14.03
N ARG A 444 16.99 -2.29 -13.30
CA ARG A 444 17.45 -1.93 -11.96
C ARG A 444 16.38 -1.83 -10.88
N ASN A 445 16.82 -1.97 -9.63
CA ASN A 445 15.95 -1.89 -8.46
C ASN A 445 14.74 -2.80 -8.58
N ILE A 446 15.02 -4.10 -8.59
CA ILE A 446 13.98 -5.11 -8.69
C ILE A 446 13.94 -5.91 -7.39
N THR A 447 12.73 -6.16 -6.91
CA THR A 447 12.58 -6.96 -5.70
C THR A 447 11.53 -8.04 -5.90
N TRP A 448 11.93 -9.29 -5.66
CA TRP A 448 11.05 -10.43 -5.77
C TRP A 448 11.07 -11.03 -4.37
N SER A 449 9.98 -10.80 -3.62
CA SER A 449 9.92 -11.29 -2.25
C SER A 449 8.77 -12.21 -1.91
N ASN A 450 9.03 -13.08 -0.95
CA ASN A 450 8.05 -14.02 -0.46
C ASN A 450 7.40 -14.87 -1.56
N PHE A 451 8.25 -15.56 -2.30
CA PHE A 451 7.80 -16.47 -3.35
C PHE A 451 7.82 -17.87 -2.72
N ARG A 452 6.83 -18.68 -3.08
CA ARG A 452 6.76 -20.03 -2.55
C ARG A 452 6.43 -20.98 -3.69
N ALA A 453 7.25 -22.01 -3.85
CA ALA A 453 7.02 -23.01 -4.88
C ALA A 453 6.66 -24.31 -4.18
N GLU A 454 5.39 -24.71 -4.27
CA GLU A 454 4.92 -25.93 -3.64
C GLU A 454 5.15 -27.11 -4.57
N GLY A 455 5.34 -28.29 -3.99
CA GLY A 455 5.60 -29.47 -4.80
C GLY A 455 6.95 -29.41 -5.48
N SER A 456 7.15 -30.21 -6.51
CA SER A 456 8.42 -30.22 -7.22
C SER A 456 8.53 -28.97 -8.09
N SER A 457 9.71 -28.37 -8.09
CA SER A 457 9.97 -27.13 -8.79
C SER A 457 11.14 -27.12 -9.76
N SER A 458 11.10 -26.16 -10.67
CA SER A 458 12.17 -25.95 -11.62
C SER A 458 13.23 -25.10 -10.90
N ALA A 459 14.28 -24.73 -11.62
CA ALA A 459 15.37 -23.94 -11.08
C ALA A 459 14.96 -22.61 -10.44
N LEU A 460 15.74 -22.15 -9.46
CA LEU A 460 15.46 -20.86 -8.84
C LEU A 460 15.52 -19.79 -9.92
N PHE A 461 16.57 -19.83 -10.73
CA PHE A 461 16.71 -18.84 -11.81
C PHE A 461 17.51 -19.30 -13.02
N ARG A 462 17.11 -18.83 -14.19
CA ARG A 462 17.80 -19.10 -15.45
C ARG A 462 17.70 -17.76 -16.15
N ILE A 463 18.72 -16.94 -15.89
CA ILE A 463 18.75 -15.59 -16.40
C ILE A 463 19.84 -15.25 -17.40
N ASN A 464 19.41 -14.76 -18.56
CA ASN A 464 20.33 -14.31 -19.60
C ASN A 464 20.41 -12.79 -19.40
N PRO A 465 21.59 -12.26 -19.07
CA PRO A 465 21.61 -10.80 -18.90
C PRO A 465 21.69 -10.14 -20.28
N ILE A 466 20.54 -10.03 -20.95
CA ILE A 466 20.52 -9.42 -22.28
C ILE A 466 20.74 -7.92 -22.25
N GLN A 467 20.70 -7.36 -21.05
CA GLN A 467 20.99 -5.95 -20.81
C GLN A 467 21.56 -5.98 -19.39
N ASN A 468 22.19 -4.88 -18.97
CA ASN A 468 22.79 -4.84 -17.64
C ASN A 468 21.77 -5.07 -16.52
N LEU A 469 22.24 -5.71 -15.44
CA LEU A 469 21.39 -6.00 -14.29
C LEU A 469 22.00 -5.30 -13.08
N ASP A 470 21.18 -4.60 -12.31
CA ASP A 470 21.68 -3.88 -11.14
C ASP A 470 20.66 -3.78 -10.02
N ASN A 471 21.06 -4.20 -8.83
CA ASN A 471 20.21 -4.13 -7.65
C ASN A 471 18.94 -4.97 -7.81
N ILE A 472 19.12 -6.27 -7.94
CA ILE A 472 18.01 -7.21 -8.06
C ILE A 472 18.07 -8.05 -6.80
N SER A 473 16.99 -8.05 -6.02
CA SER A 473 16.97 -8.78 -4.77
C SER A 473 15.89 -9.84 -4.65
N ILE A 474 16.31 -11.04 -4.26
CA ILE A 474 15.40 -12.15 -4.03
C ILE A 474 15.37 -12.25 -2.52
N LYS A 475 14.20 -12.03 -1.92
CA LYS A 475 14.05 -12.08 -0.46
C LYS A 475 12.93 -13.03 -0.08
N ASN A 476 13.31 -14.18 0.47
CA ASN A 476 12.39 -15.23 0.88
C ASN A 476 11.81 -15.97 -0.32
N VAL A 477 12.37 -17.14 -0.59
CA VAL A 477 11.89 -17.99 -1.67
C VAL A 477 12.07 -19.42 -1.21
N SER A 478 10.97 -20.15 -1.13
CA SER A 478 11.02 -21.53 -0.70
C SER A 478 10.64 -22.48 -1.82
N ILE A 479 11.44 -23.51 -2.01
CA ILE A 479 11.20 -24.54 -3.02
C ILE A 479 11.00 -25.81 -2.20
N GLU A 480 9.82 -26.42 -2.29
CA GLU A 480 9.57 -27.61 -1.48
C GLU A 480 10.50 -28.76 -1.87
N SER A 481 10.60 -29.02 -3.17
CA SER A 481 11.47 -30.06 -3.69
C SER A 481 11.77 -29.75 -5.15
N PHE A 482 12.80 -30.40 -5.70
CA PHE A 482 13.18 -30.17 -7.08
C PHE A 482 12.69 -31.26 -8.03
N GLU A 483 12.45 -30.87 -9.28
CA GLU A 483 12.03 -31.79 -10.32
C GLU A 483 13.24 -32.71 -10.54
N PRO A 484 13.07 -33.80 -11.29
CA PRO A 484 14.18 -34.72 -11.53
C PRO A 484 15.41 -34.12 -12.22
N LEU A 485 16.59 -34.51 -11.74
CA LEU A 485 17.84 -34.02 -12.32
C LEU A 485 17.90 -34.35 -13.80
N SER A 486 17.38 -35.51 -14.17
CA SER A 486 17.42 -35.96 -15.56
C SER A 486 16.71 -35.11 -16.59
N ILE A 487 15.71 -34.32 -16.20
CA ILE A 487 15.03 -33.52 -17.20
C ILE A 487 15.64 -32.15 -17.41
N ASN A 488 16.75 -31.88 -16.71
CA ASN A 488 17.51 -30.64 -16.85
C ASN A 488 16.68 -29.36 -16.77
N THR A 489 15.88 -29.25 -15.71
CA THR A 489 15.03 -28.08 -15.52
C THR A 489 15.30 -27.42 -14.18
N THR A 490 16.17 -28.01 -13.37
CA THR A 490 16.44 -27.49 -12.03
C THR A 490 17.73 -26.74 -11.73
N GLU A 491 18.75 -26.86 -12.58
CA GLU A 491 19.99 -26.15 -12.33
C GLU A 491 19.83 -24.68 -12.70
N SER A 492 20.27 -23.78 -11.81
CA SER A 492 20.17 -22.34 -12.08
C SER A 492 21.42 -21.87 -12.78
N TRP A 493 21.28 -20.88 -13.66
CA TRP A 493 22.42 -20.35 -14.37
C TRP A 493 22.28 -18.87 -14.75
N MET A 494 23.41 -18.28 -15.11
CA MET A 494 23.48 -16.89 -15.54
C MET A 494 24.80 -16.76 -16.31
N PRO A 495 24.77 -17.02 -17.63
CA PRO A 495 25.95 -16.96 -18.49
C PRO A 495 26.36 -15.52 -18.83
N VAL A 496 27.64 -15.32 -19.10
CA VAL A 496 28.12 -13.99 -19.45
C VAL A 496 27.57 -13.61 -20.82
N TRP A 497 27.19 -12.34 -20.96
CA TRP A 497 26.63 -11.84 -22.21
C TRP A 497 27.42 -10.67 -22.78
N TYR A 498 27.26 -10.45 -24.08
CA TYR A 498 27.95 -9.37 -24.78
C TYR A 498 27.02 -8.55 -25.66
N ASP A 499 27.40 -7.29 -25.85
CA ASP A 499 26.64 -6.34 -26.67
C ASP A 499 26.67 -6.77 -28.13
N LEU A 500 25.50 -6.74 -28.76
CA LEU A 500 25.34 -7.13 -30.16
C LEU A 500 26.18 -6.34 -31.15
N ASN A 501 26.35 -5.05 -30.90
CA ASN A 501 27.08 -4.18 -31.81
C ASN A 501 28.55 -3.87 -31.52
N ASN A 502 28.94 -3.79 -30.24
CA ASN A 502 30.32 -3.45 -29.90
C ASN A 502 31.07 -4.49 -29.07
N GLY A 503 30.40 -5.57 -28.70
CA GLY A 503 31.07 -6.59 -27.92
C GLY A 503 31.35 -6.28 -26.46
N LYS A 504 30.82 -5.16 -25.96
CA LYS A 504 31.03 -4.80 -24.57
C LYS A 504 30.32 -5.83 -23.71
N GLN A 505 30.99 -6.30 -22.67
CA GLN A 505 30.41 -7.31 -21.77
C GLN A 505 29.29 -6.73 -20.92
N ILE A 506 28.15 -7.43 -20.89
CA ILE A 506 27.02 -6.99 -20.09
C ILE A 506 27.37 -7.21 -18.62
N THR A 507 27.01 -6.24 -17.79
CA THR A 507 27.32 -6.30 -16.36
C THR A 507 26.17 -6.72 -15.45
N VAL A 508 26.52 -7.33 -14.33
CA VAL A 508 25.58 -7.77 -13.31
C VAL A 508 26.13 -7.20 -12.03
N THR A 509 25.33 -6.38 -11.35
CA THR A 509 25.75 -5.72 -10.12
C THR A 509 24.74 -5.89 -9.01
N ASP A 510 25.23 -6.29 -7.84
CA ASP A 510 24.39 -6.46 -6.67
C ASP A 510 23.15 -7.33 -6.89
N PHE A 511 23.36 -8.59 -7.20
CA PHE A 511 22.27 -9.55 -7.38
C PHE A 511 22.29 -10.33 -6.07
N SER A 512 21.33 -10.06 -5.18
CA SER A 512 21.31 -10.74 -3.89
C SER A 512 20.22 -11.78 -3.69
N ILE A 513 20.57 -12.81 -2.94
CA ILE A 513 19.65 -13.90 -2.61
C ILE A 513 19.61 -14.06 -1.10
N GLU A 514 18.41 -13.94 -0.54
CA GLU A 514 18.23 -14.06 0.90
C GLU A 514 17.00 -14.90 1.22
N GLY A 515 17.09 -15.70 2.28
CA GLY A 515 15.94 -16.52 2.65
C GLY A 515 15.53 -17.56 1.63
N PHE A 516 16.52 -18.14 0.95
CA PHE A 516 16.24 -19.17 -0.04
C PHE A 516 16.36 -20.52 0.68
N THR A 517 15.31 -21.33 0.58
CA THR A 517 15.32 -22.65 1.19
C THR A 517 14.81 -23.71 0.23
N VAL A 518 15.36 -24.91 0.35
CA VAL A 518 14.96 -26.05 -0.45
C VAL A 518 14.51 -27.09 0.59
N GLY A 519 13.20 -27.31 0.68
CA GLY A 519 12.72 -28.26 1.67
C GLY A 519 13.14 -27.77 3.05
N ASN A 520 13.67 -28.66 3.87
CA ASN A 520 14.10 -28.27 5.20
C ASN A 520 15.54 -27.77 5.30
N THR A 521 16.12 -27.37 4.17
CA THR A 521 17.49 -26.89 4.17
C THR A 521 17.64 -25.42 3.76
N THR A 522 18.32 -24.66 4.60
CA THR A 522 18.58 -23.25 4.33
C THR A 522 19.77 -23.16 3.38
N ILE A 523 19.61 -22.39 2.31
CA ILE A 523 20.68 -22.25 1.33
C ILE A 523 21.61 -21.08 1.65
N THR A 524 22.90 -21.33 1.57
CA THR A 524 23.91 -20.31 1.83
C THR A 524 24.92 -20.38 0.70
N ALA A 525 25.93 -19.52 0.75
CA ALA A 525 26.95 -19.54 -0.29
C ALA A 525 27.64 -20.91 -0.31
N SER A 526 27.70 -21.56 0.85
CA SER A 526 28.35 -22.86 0.97
C SER A 526 27.66 -24.01 0.23
N ASN A 527 26.33 -24.07 0.29
CA ASN A 527 25.61 -25.15 -0.39
C ASN A 527 24.74 -24.67 -1.54
N ALA A 528 25.01 -23.47 -2.05
CA ALA A 528 24.22 -22.92 -3.15
C ALA A 528 24.17 -23.88 -4.34
N ALA A 529 25.30 -24.49 -4.65
CA ALA A 529 25.38 -25.43 -5.76
C ALA A 529 24.90 -26.84 -5.40
N SER A 530 25.49 -27.42 -4.35
CA SER A 530 25.16 -28.78 -3.93
C SER A 530 23.71 -29.02 -3.50
N VAL A 531 23.07 -28.02 -2.91
CA VAL A 531 21.69 -28.18 -2.46
C VAL A 531 20.72 -27.29 -3.24
N GLY A 532 21.13 -26.05 -3.49
CA GLY A 532 20.27 -25.12 -4.20
C GLY A 532 20.33 -25.29 -5.72
N ARG A 533 21.28 -26.10 -6.16
CA ARG A 533 21.49 -26.38 -7.58
C ARG A 533 21.84 -25.15 -8.41
N ILE A 534 22.43 -24.15 -7.75
CA ILE A 534 22.86 -22.93 -8.42
C ILE A 534 24.29 -23.21 -8.83
N ASP A 535 24.49 -23.76 -10.03
CA ASP A 535 25.84 -24.09 -10.47
C ASP A 535 26.23 -23.49 -11.81
N GLY A 536 25.37 -22.63 -12.36
CA GLY A 536 25.65 -22.03 -13.64
C GLY A 536 25.92 -20.53 -13.68
N VAL A 537 26.30 -19.94 -12.55
CA VAL A 537 26.59 -18.50 -12.55
C VAL A 537 27.97 -18.34 -13.17
N ASP A 538 28.05 -17.53 -14.23
CA ASP A 538 29.32 -17.31 -14.92
C ASP A 538 30.37 -16.79 -13.94
N PRO A 539 31.62 -17.29 -14.06
CA PRO A 539 32.68 -16.82 -13.15
C PRO A 539 32.85 -15.31 -13.16
N ALA A 540 32.46 -14.66 -14.26
CA ALA A 540 32.58 -13.21 -14.36
C ALA A 540 31.55 -12.51 -13.49
N TYR A 541 30.43 -13.19 -13.22
CA TYR A 541 29.35 -12.64 -12.42
C TYR A 541 29.32 -13.17 -10.98
N ALA A 542 30.07 -14.24 -10.73
CA ALA A 542 30.10 -14.88 -9.41
C ALA A 542 30.26 -13.89 -8.26
N GLY A 543 31.10 -12.88 -8.46
CA GLY A 543 31.33 -11.89 -7.41
C GLY A 543 30.20 -10.90 -7.23
N SER A 544 29.24 -10.91 -8.14
CA SER A 544 28.11 -10.00 -8.07
C SER A 544 26.86 -10.67 -7.51
N VAL A 545 26.94 -11.98 -7.33
CA VAL A 545 25.82 -12.74 -6.77
C VAL A 545 26.15 -12.91 -5.30
N HIS A 546 25.34 -12.28 -4.44
CA HIS A 546 25.58 -12.32 -3.01
C HIS A 546 24.52 -13.06 -2.22
N TYR A 547 24.97 -13.93 -1.31
CA TYR A 547 24.05 -14.67 -0.47
C TYR A 547 23.99 -13.99 0.89
N ILE A 548 22.89 -13.30 1.15
CA ILE A 548 22.70 -12.59 2.42
C ILE A 548 22.12 -13.55 3.45
N ASP A 549 22.94 -13.94 4.42
CA ASP A 549 22.49 -14.84 5.46
C ASP A 549 22.44 -14.14 6.81
N ARG B 1 10.94 40.47 -19.81
CA ARG B 1 9.52 40.49 -19.36
C ARG B 1 9.48 40.64 -17.84
N GLU B 2 8.29 40.85 -17.29
CA GLU B 2 8.19 41.02 -15.85
C GLU B 2 8.65 39.73 -15.15
N PHE B 3 9.26 39.89 -13.98
CA PHE B 3 9.76 38.74 -13.23
C PHE B 3 8.65 37.78 -12.84
N MET B 4 8.95 36.48 -12.91
CA MET B 4 7.98 35.46 -12.54
C MET B 4 8.70 34.27 -11.94
N ALA B 5 8.03 33.58 -11.02
CA ALA B 5 8.63 32.41 -10.40
C ALA B 5 8.77 31.33 -11.47
N VAL B 6 9.81 30.50 -11.36
CA VAL B 6 10.02 29.41 -12.30
C VAL B 6 10.13 28.14 -11.47
N THR B 7 9.19 27.23 -11.70
CA THR B 7 9.15 25.97 -10.96
C THR B 7 9.62 24.78 -11.77
N ALA B 8 10.09 23.75 -11.06
CA ALA B 8 10.58 22.55 -11.70
C ALA B 8 9.49 21.48 -11.76
N ASN B 9 9.50 20.70 -12.84
CA ASN B 9 8.55 19.61 -13.01
C ASN B 9 9.19 18.61 -13.95
N ASN B 10 10.26 17.97 -13.47
CA ASN B 10 10.98 16.99 -14.27
C ASN B 10 11.17 15.69 -13.50
N SER B 11 11.94 14.76 -14.08
CA SER B 11 12.16 13.45 -13.45
C SER B 11 12.95 13.48 -12.15
N GLN B 12 13.62 14.58 -11.85
CA GLN B 12 14.42 14.65 -10.63
C GLN B 12 13.92 15.68 -9.62
N LEU B 13 13.10 16.62 -10.05
CA LEU B 13 12.63 17.65 -9.14
C LEU B 13 11.27 18.22 -9.47
N LEU B 14 10.48 18.48 -8.43
CA LEU B 14 9.16 19.07 -8.59
C LEU B 14 8.98 20.12 -7.50
N THR B 15 8.77 21.36 -7.93
CA THR B 15 8.53 22.45 -6.99
C THR B 15 7.28 23.13 -7.52
N TRP B 16 6.66 23.97 -6.70
CA TRP B 16 5.44 24.65 -7.14
C TRP B 16 5.30 26.06 -6.59
N TRP B 17 4.29 26.75 -7.09
CA TRP B 17 4.04 28.13 -6.70
C TRP B 17 2.55 28.39 -6.61
N HIS B 18 2.20 29.54 -6.05
CA HIS B 18 0.82 29.98 -5.93
C HIS B 18 0.81 31.43 -6.35
N ASN B 19 0.12 31.75 -7.44
CA ASN B 19 0.07 33.12 -7.91
C ASN B 19 -0.73 34.02 -6.98
N THR B 20 -1.53 33.43 -6.10
CA THR B 20 -2.32 34.22 -5.16
C THR B 20 -1.66 34.24 -3.77
N GLY B 21 -0.34 34.14 -3.75
CA GLY B 21 0.37 34.20 -2.48
C GLY B 21 0.14 35.59 -1.91
N GLU B 22 0.02 35.68 -0.59
CA GLU B 22 -0.24 36.95 0.06
C GLU B 22 0.67 37.17 1.27
N ILE B 23 1.37 38.29 1.29
CA ILE B 23 2.24 38.63 2.41
C ILE B 23 1.30 39.24 3.46
N ASN B 24 1.17 38.56 4.59
CA ASN B 24 0.27 39.01 5.65
C ASN B 24 0.73 38.38 6.95
N THR B 25 1.00 39.22 7.96
CA THR B 25 1.46 38.71 9.25
C THR B 25 0.55 39.10 10.41
N GLN B 26 -0.63 39.62 10.11
CA GLN B 26 -1.53 40.07 11.18
C GLN B 26 -3.01 39.72 11.04
N THR B 27 -3.49 39.57 9.80
CA THR B 27 -4.91 39.26 9.59
C THR B 27 -5.10 38.04 8.70
N PRO B 28 -6.36 37.60 8.53
CA PRO B 28 -6.61 36.44 7.68
C PRO B 28 -6.34 36.82 6.22
N VAL B 29 -5.88 35.85 5.43
CA VAL B 29 -5.63 36.15 4.02
C VAL B 29 -6.96 36.01 3.31
N ALA B 30 -7.04 36.50 2.08
CA ALA B 30 -8.28 36.40 1.34
C ALA B 30 -8.59 34.91 1.13
N ASP B 31 -9.86 34.60 0.90
CA ASP B 31 -10.30 33.22 0.70
C ASP B 31 -9.47 32.47 -0.32
N GLY B 32 -9.27 33.08 -1.48
CA GLY B 32 -8.50 32.44 -2.54
C GLY B 32 -6.99 32.69 -2.51
N ASN B 33 -6.51 33.27 -1.43
CA ASN B 33 -5.08 33.57 -1.29
C ASN B 33 -4.38 32.57 -0.38
N VAL B 34 -3.05 32.57 -0.45
CA VAL B 34 -2.25 31.66 0.36
C VAL B 34 -1.20 32.47 1.11
N ARG B 35 -1.25 32.44 2.45
CA ARG B 35 -0.27 33.21 3.22
C ARG B 35 1.13 32.72 2.85
N GLN B 36 1.95 33.68 2.42
CA GLN B 36 3.31 33.40 1.97
C GLN B 36 4.33 34.17 2.82
N SER B 37 5.45 33.51 3.13
CA SER B 37 6.48 34.16 3.92
C SER B 37 7.11 35.33 3.18
N GLY B 38 7.26 36.45 3.87
CA GLY B 38 7.87 37.62 3.24
C GLY B 38 9.32 37.72 3.71
N LEU B 39 9.71 36.77 4.55
CA LEU B 39 11.06 36.74 5.10
C LEU B 39 11.99 35.75 4.38
N TYR B 40 11.52 34.52 4.21
CA TYR B 40 12.30 33.48 3.56
C TYR B 40 11.82 33.18 2.16
N SER B 41 12.77 32.99 1.25
CA SER B 41 12.47 32.61 -0.13
C SER B 41 13.37 31.41 -0.36
N VAL B 42 12.87 30.41 -1.06
CA VAL B 42 13.65 29.20 -1.31
C VAL B 42 13.64 28.75 -2.76
N LYS B 43 14.81 28.32 -3.23
CA LYS B 43 14.96 27.80 -4.58
C LYS B 43 15.69 26.48 -4.46
N VAL B 44 15.46 25.58 -5.41
CA VAL B 44 16.11 24.27 -5.37
C VAL B 44 16.75 23.90 -6.71
N GLN B 45 17.92 23.29 -6.65
CA GLN B 45 18.63 22.88 -7.86
C GLN B 45 19.18 21.46 -7.72
N THR B 46 18.82 20.59 -8.66
CA THR B 46 19.30 19.22 -8.64
C THR B 46 20.80 19.21 -8.91
N THR B 47 21.52 18.38 -8.17
CA THR B 47 22.97 18.27 -8.35
C THR B 47 23.27 17.49 -9.62
N PRO B 48 24.50 17.60 -10.15
CA PRO B 48 25.60 18.40 -9.61
C PRO B 48 25.31 19.89 -9.69
N ALA B 49 25.86 20.66 -8.75
CA ALA B 49 25.67 22.09 -8.74
C ALA B 49 26.27 22.65 -10.02
N SER B 50 25.65 23.69 -10.56
CA SER B 50 26.14 24.31 -11.79
C SER B 50 25.49 25.66 -12.04
N SER B 51 25.78 26.22 -13.21
CA SER B 51 25.23 27.51 -13.60
C SER B 51 23.78 27.34 -13.99
N SER B 52 23.32 26.09 -13.99
CA SER B 52 21.93 25.79 -14.34
C SER B 52 20.99 26.60 -13.46
N LEU B 53 19.72 26.57 -13.79
CA LEU B 53 18.72 27.32 -13.05
C LEU B 53 18.31 26.71 -11.72
N TYR B 54 18.01 27.57 -10.76
CA TYR B 54 17.52 27.15 -9.45
C TYR B 54 16.02 27.38 -9.62
N TYR B 55 15.20 26.46 -9.10
CA TYR B 55 13.76 26.61 -9.24
C TYR B 55 13.08 27.11 -7.97
N ASP B 56 12.14 28.02 -8.13
CA ASP B 56 11.41 28.58 -6.99
C ASP B 56 10.55 27.52 -6.31
N SER B 57 10.52 27.57 -4.99
CA SER B 57 9.72 26.65 -4.17
C SER B 57 8.92 27.54 -3.22
N PHE B 58 7.59 27.47 -3.31
CA PHE B 58 6.73 28.31 -2.48
C PHE B 58 6.94 28.13 -0.97
N VAL B 59 7.07 29.24 -0.25
CA VAL B 59 7.26 29.19 1.19
C VAL B 59 5.97 29.64 1.88
N TYR B 60 5.26 28.69 2.47
CA TYR B 60 4.02 28.94 3.17
C TYR B 60 4.31 29.56 4.53
N LEU B 61 3.32 30.24 5.11
CA LEU B 61 3.48 30.83 6.43
C LEU B 61 2.24 30.64 7.29
N ALA B 62 2.44 30.17 8.51
CA ALA B 62 1.34 29.98 9.45
C ALA B 62 1.68 30.85 10.66
N ILE B 63 0.68 31.53 11.19
CA ILE B 63 0.88 32.40 12.35
C ILE B 63 -0.13 32.08 13.45
N PRO B 64 0.25 32.32 14.72
CA PRO B 64 -0.68 32.03 15.81
C PRO B 64 -1.98 32.82 15.63
N GLY B 65 -3.10 32.14 15.85
CA GLY B 65 -4.39 32.77 15.71
C GLY B 65 -4.87 32.89 14.27
N ASN B 66 -4.01 32.49 13.34
CA ASN B 66 -4.35 32.54 11.92
C ASN B 66 -4.82 33.92 11.46
N GLY B 67 -4.29 34.96 12.09
CA GLY B 67 -4.69 36.31 11.70
C GLY B 67 -5.91 36.81 12.44
N MET B 68 -6.44 35.99 13.35
CA MET B 68 -7.61 36.35 14.16
C MET B 68 -7.07 36.67 15.55
N SER B 69 -6.73 37.94 15.77
CA SER B 69 -6.17 38.39 17.05
C SER B 69 -6.92 37.94 18.30
N ASP B 70 -8.23 37.83 18.22
CA ASP B 70 -9.02 37.41 19.38
C ASP B 70 -8.93 35.92 19.67
N GLN B 71 -8.10 35.20 18.91
CA GLN B 71 -7.92 33.77 19.11
C GLN B 71 -6.58 33.51 19.76
N LEU B 72 -5.73 34.54 19.82
CA LEU B 72 -4.40 34.40 20.42
C LEU B 72 -4.48 33.93 21.87
N GLN B 73 -5.61 34.23 22.51
CA GLN B 73 -5.83 33.85 23.90
C GLN B 73 -5.81 32.34 24.06
N TYR B 74 -5.96 31.63 22.94
CA TYR B 74 -5.99 30.18 22.96
C TYR B 74 -4.64 29.56 22.60
N THR B 75 -3.63 30.40 22.42
CA THR B 75 -2.28 29.94 22.11
C THR B 75 -1.42 30.12 23.36
N GLN B 76 -0.14 29.79 23.27
CA GLN B 76 0.75 29.93 24.41
C GLN B 76 1.21 31.36 24.62
N GLY B 77 0.85 32.24 23.68
CA GLY B 77 1.21 33.64 23.80
C GLY B 77 2.57 34.06 23.26
N TYR B 78 3.18 33.20 22.44
CA TYR B 78 4.49 33.52 21.88
C TYR B 78 4.30 34.21 20.53
N ASN B 79 5.29 34.98 20.09
CA ASN B 79 5.19 35.68 18.82
C ASN B 79 5.79 34.88 17.67
N GLN B 80 6.13 33.63 17.93
CA GLN B 80 6.72 32.75 16.92
C GLN B 80 5.80 32.48 15.73
N THR B 81 6.41 32.34 14.55
CA THR B 81 5.67 32.02 13.33
C THR B 81 6.38 30.80 12.75
N GLN B 82 5.71 30.11 11.84
CA GLN B 82 6.27 28.91 11.24
C GLN B 82 6.07 28.92 9.73
N ALA B 83 7.17 29.01 8.99
CA ALA B 83 7.12 28.99 7.53
C ALA B 83 7.63 27.62 7.10
N TRP B 84 7.23 27.19 5.92
CA TRP B 84 7.70 25.90 5.44
C TRP B 84 7.57 25.80 3.93
N THR B 85 8.32 24.89 3.34
CA THR B 85 8.25 24.68 1.91
C THR B 85 8.39 23.19 1.66
N SER B 86 7.73 22.71 0.61
CA SER B 86 7.78 21.30 0.24
C SER B 86 8.15 21.14 -1.23
N PHE B 87 8.87 20.08 -1.51
CA PHE B 87 9.25 19.78 -2.88
C PHE B 87 9.52 18.28 -2.98
N LEU B 88 9.30 17.73 -4.17
CA LEU B 88 9.52 16.30 -4.38
C LEU B 88 10.82 16.16 -5.16
N TYR B 89 11.57 15.09 -4.89
CA TYR B 89 12.82 14.88 -5.60
C TYR B 89 13.16 13.40 -5.69
N SER B 90 14.08 13.09 -6.60
CA SER B 90 14.50 11.70 -6.81
C SER B 90 16.02 11.68 -6.98
N HIS B 91 16.65 12.79 -6.61
CA HIS B 91 18.10 12.94 -6.72
C HIS B 91 18.57 14.07 -5.81
N ASP B 92 19.81 13.99 -5.35
CA ASP B 92 20.38 15.00 -4.48
C ASP B 92 20.03 16.39 -5.03
N ALA B 93 19.80 17.33 -4.13
CA ALA B 93 19.47 18.70 -4.54
C ALA B 93 19.98 19.72 -3.53
N THR B 94 20.30 20.90 -4.04
CA THR B 94 20.79 21.99 -3.20
C THR B 94 19.63 22.95 -2.94
N VAL B 95 19.36 23.21 -1.67
CA VAL B 95 18.30 24.13 -1.30
C VAL B 95 18.90 25.48 -0.95
N LYS B 96 18.64 26.48 -1.77
CA LYS B 96 19.15 27.82 -1.56
C LYS B 96 18.14 28.66 -0.80
N ILE B 97 18.52 29.09 0.40
CA ILE B 97 17.65 29.90 1.23
C ILE B 97 18.11 31.35 1.29
N SER B 98 17.20 32.27 1.01
CA SER B 98 17.53 33.69 1.04
C SER B 98 16.58 34.43 1.96
N ARG B 99 17.04 35.56 2.49
CA ARG B 99 16.21 36.39 3.36
C ARG B 99 16.07 37.74 2.65
N ASN B 100 16.17 38.85 3.35
CA ASN B 100 16.03 40.12 2.64
C ASN B 100 17.33 40.90 2.46
N GLY B 101 17.25 42.01 1.74
CA GLY B 101 18.41 42.84 1.47
C GLY B 101 19.23 43.36 2.65
N SER B 102 18.63 43.39 3.83
CA SER B 102 19.35 43.88 5.01
C SER B 102 19.84 42.74 5.89
N SER B 103 19.49 41.51 5.51
CA SER B 103 19.90 40.33 6.27
C SER B 103 21.40 40.15 6.28
N ALA B 104 21.93 39.68 7.40
CA ALA B 104 23.36 39.47 7.54
C ALA B 104 23.70 38.01 7.27
N ASN B 105 25.00 37.72 7.19
CA ASN B 105 25.47 36.37 6.95
C ASN B 105 25.49 35.63 8.29
N SER B 106 24.34 35.09 8.68
CA SER B 106 24.19 34.38 9.95
C SER B 106 24.28 32.86 9.80
N ASN B 107 24.95 32.22 10.76
CA ASN B 107 25.11 30.78 10.76
C ASN B 107 23.77 30.11 11.03
N VAL B 108 23.57 28.91 10.48
CA VAL B 108 22.32 28.20 10.69
C VAL B 108 22.55 26.83 11.30
N VAL B 109 21.58 26.38 12.07
CA VAL B 109 21.62 25.08 12.71
C VAL B 109 20.47 24.29 12.12
N ILE B 110 20.76 23.10 11.62
CA ILE B 110 19.75 22.24 11.02
C ILE B 110 19.31 21.20 12.05
N ARG B 111 18.00 21.10 12.27
CA ARG B 111 17.47 20.13 13.23
C ARG B 111 16.50 19.20 12.52
N PRO B 112 16.60 17.90 12.77
CA PRO B 112 17.58 17.25 13.66
C PRO B 112 19.05 17.44 13.28
N THR B 113 19.90 17.60 14.29
CA THR B 113 21.32 17.82 14.07
C THR B 113 22.04 16.59 13.51
N SER B 114 21.41 15.43 13.61
CA SER B 114 22.02 14.19 13.11
C SER B 114 22.11 14.13 11.59
N LEU B 115 21.37 15.02 10.91
CA LEU B 115 21.41 15.05 9.45
C LEU B 115 22.80 15.39 8.93
N ASN B 116 23.40 16.41 9.52
CA ASN B 116 24.74 16.84 9.13
C ASN B 116 24.86 17.07 7.63
N PHE B 117 23.89 17.78 7.07
CA PHE B 117 23.90 18.09 5.63
C PHE B 117 24.95 19.16 5.37
N PRO B 118 25.63 19.09 4.21
CA PRO B 118 26.64 20.09 3.86
C PRO B 118 25.97 21.45 3.74
N VAL B 119 26.58 22.47 4.35
CA VAL B 119 26.02 23.82 4.30
C VAL B 119 27.09 24.86 3.97
N ARG B 120 26.85 25.62 2.91
CA ARG B 120 27.80 26.66 2.54
C ARG B 120 27.08 27.99 2.50
N TYR B 121 27.80 29.04 2.90
CA TYR B 121 27.26 30.39 2.94
C TYR B 121 27.89 31.21 1.82
N ASP B 122 27.05 31.93 1.07
CA ASP B 122 27.55 32.76 -0.02
C ASP B 122 26.60 33.91 -0.31
N ASN B 123 27.16 35.12 -0.31
CA ASN B 123 26.40 36.34 -0.57
C ASN B 123 25.09 36.41 0.22
N GLN B 124 25.19 36.22 1.52
CA GLN B 124 24.06 36.27 2.43
C GLN B 124 22.95 35.24 2.18
N SER B 125 23.26 34.21 1.39
CA SER B 125 22.30 33.14 1.14
C SER B 125 22.88 31.87 1.77
N VAL B 126 22.02 30.88 1.99
CA VAL B 126 22.46 29.61 2.58
C VAL B 126 22.17 28.47 1.62
N TYR B 127 23.18 27.63 1.37
CA TYR B 127 23.04 26.50 0.47
C TYR B 127 23.15 25.18 1.22
N ILE B 128 22.06 24.43 1.27
CA ILE B 128 22.04 23.16 1.97
C ILE B 128 21.92 22.02 0.96
N THR B 129 22.87 21.09 0.99
CA THR B 129 22.86 19.97 0.06
C THR B 129 22.05 18.84 0.69
N VAL B 130 20.83 18.65 0.20
CA VAL B 130 19.94 17.60 0.70
C VAL B 130 20.07 16.32 -0.10
N PRO B 131 20.68 15.28 0.48
CA PRO B 131 20.85 14.00 -0.21
C PRO B 131 19.49 13.36 -0.46
N TYR B 132 19.37 12.61 -1.55
CA TYR B 132 18.12 11.94 -1.83
C TYR B 132 17.95 10.75 -0.89
N SER B 133 16.72 10.54 -0.45
CA SER B 133 16.38 9.44 0.44
C SER B 133 14.98 9.00 0.05
N PRO B 134 14.74 7.69 -0.10
CA PRO B 134 13.43 7.19 -0.48
C PRO B 134 12.31 7.62 0.46
N THR B 135 12.67 8.00 1.69
CA THR B 135 11.70 8.43 2.68
C THR B 135 11.74 9.94 2.91
N GLY B 136 12.59 10.63 2.16
CA GLY B 136 12.70 12.06 2.28
C GLY B 136 13.14 12.56 3.65
N TYR B 137 13.09 13.87 3.84
CA TYR B 137 13.47 14.49 5.10
C TYR B 137 12.54 15.64 5.47
N ARG B 138 12.48 15.91 6.77
CA ARG B 138 11.68 17.00 7.31
C ARG B 138 12.55 17.63 8.38
N PHE B 139 13.06 18.83 8.10
CA PHE B 139 13.95 19.49 9.05
C PHE B 139 13.71 20.98 9.23
N SER B 140 14.33 21.54 10.26
CA SER B 140 14.20 22.94 10.59
C SER B 140 15.52 23.69 10.37
N VAL B 141 15.45 24.80 9.64
CA VAL B 141 16.63 25.63 9.38
C VAL B 141 16.55 26.82 10.32
N GLU B 142 17.45 26.87 11.30
CA GLU B 142 17.41 27.93 12.29
C GLU B 142 18.58 28.90 12.25
N PHE B 143 18.29 30.14 11.88
CA PHE B 143 19.31 31.17 11.81
C PHE B 143 19.66 31.69 13.20
N ASP B 144 20.95 31.69 13.50
CA ASP B 144 21.43 32.15 14.81
C ASP B 144 20.91 33.52 15.23
N ASP B 145 20.91 34.49 14.31
CA ASP B 145 20.45 35.82 14.65
C ASP B 145 18.93 35.97 14.71
N ASP B 146 18.22 34.86 14.51
CA ASP B 146 16.77 34.86 14.57
C ASP B 146 16.29 34.17 15.84
N LEU B 147 17.21 33.56 16.57
CA LEU B 147 16.87 32.86 17.80
C LEU B 147 16.42 33.84 18.88
N ILE B 148 15.40 33.45 19.63
CA ILE B 148 14.90 34.26 20.73
C ILE B 148 14.77 33.33 21.93
N SER B 149 14.55 33.91 23.10
CA SER B 149 14.40 33.11 24.31
C SER B 149 12.93 33.06 24.69
N LEU B 150 12.41 31.85 24.91
CA LEU B 150 11.01 31.68 25.29
C LEU B 150 10.90 31.48 26.79
N ALA B 151 10.25 32.41 27.47
CA ALA B 151 10.08 32.33 28.92
C ALA B 151 8.94 31.38 29.26
N PRO B 152 9.03 30.71 30.42
CA PRO B 152 10.10 30.77 31.43
C PRO B 152 11.21 29.72 31.25
N SER B 153 11.10 28.89 30.22
CA SER B 153 12.11 27.86 29.99
C SER B 153 13.43 28.45 29.52
N GLY B 154 13.36 29.57 28.82
CA GLY B 154 14.56 30.21 28.32
C GLY B 154 15.02 29.51 27.05
N ALA B 155 14.21 28.58 26.57
CA ALA B 155 14.54 27.83 25.36
C ALA B 155 14.89 28.77 24.22
N ARG B 156 16.01 28.51 23.57
CA ARG B 156 16.46 29.32 22.45
C ARG B 156 15.89 28.73 21.16
N GLN B 157 14.93 29.42 20.56
CA GLN B 157 14.30 28.94 19.34
C GLN B 157 14.10 30.04 18.31
N PRO B 158 13.88 29.64 17.05
CA PRO B 158 13.68 30.61 15.98
C PRO B 158 12.40 31.40 16.21
N GLU B 159 12.45 32.71 16.02
CA GLU B 159 11.25 33.52 16.17
C GLU B 159 10.43 33.29 14.92
N ASN B 160 11.14 33.08 13.82
CA ASN B 160 10.53 32.85 12.52
C ASN B 160 11.09 31.53 11.99
N ALA B 161 10.38 30.44 12.27
CA ALA B 161 10.83 29.12 11.85
C ALA B 161 10.69 28.90 10.35
N LEU B 162 11.56 28.05 9.82
CA LEU B 162 11.55 27.68 8.41
C LEU B 162 11.78 26.18 8.34
N LEU B 163 10.75 25.46 7.90
CA LEU B 163 10.81 24.01 7.79
C LEU B 163 10.94 23.60 6.32
N ILE B 164 11.73 22.57 6.06
CA ILE B 164 11.94 22.07 4.71
C ILE B 164 11.45 20.63 4.66
N PHE B 165 10.52 20.36 3.76
CA PHE B 165 9.97 19.02 3.61
C PHE B 165 10.34 18.45 2.24
N ALA B 166 11.43 17.70 2.18
CA ALA B 166 11.88 17.09 0.93
C ALA B 166 11.29 15.68 0.88
N SER B 167 10.40 15.44 -0.07
CA SER B 167 9.75 14.14 -0.20
C SER B 167 10.00 13.46 -1.53
N PRO B 168 9.84 12.13 -1.59
CA PRO B 168 10.04 11.35 -2.81
C PRO B 168 8.84 11.51 -3.74
N PHE B 169 9.02 11.18 -5.01
CA PHE B 169 7.93 11.30 -5.98
C PHE B 169 6.74 10.43 -5.58
N GLU B 170 5.56 10.79 -6.10
CA GLU B 170 4.33 10.06 -5.81
C GLU B 170 4.11 8.87 -6.73
N ASN B 171 3.96 7.68 -6.15
CA ASN B 171 3.74 6.47 -6.94
C ASN B 171 2.26 6.23 -7.23
N SER B 172 1.98 5.09 -7.85
CA SER B 172 0.61 4.74 -8.21
C SER B 172 -0.32 4.58 -7.02
N SER B 173 0.24 4.34 -5.84
CA SER B 173 -0.57 4.16 -4.65
C SER B 173 -0.94 5.48 -3.98
N THR B 174 -0.17 6.54 -4.24
CA THR B 174 -0.47 7.82 -3.60
C THR B 174 -0.99 8.90 -4.55
N LYS B 175 -0.88 8.65 -5.86
CA LYS B 175 -1.38 9.61 -6.84
C LYS B 175 -2.37 8.92 -7.78
N PRO B 176 -3.62 9.44 -7.85
CA PRO B 176 -4.64 8.85 -8.71
C PRO B 176 -4.46 9.23 -10.17
N GLN B 177 -4.93 8.37 -11.06
CA GLN B 177 -4.85 8.62 -12.49
C GLN B 177 -5.93 9.61 -12.86
N PRO B 178 -5.57 10.64 -13.65
CA PRO B 178 -6.57 11.64 -14.06
C PRO B 178 -7.50 11.08 -15.14
N GLY B 179 -8.69 11.67 -15.26
CA GLY B 179 -9.63 11.24 -16.27
C GLY B 179 -10.56 10.10 -15.90
N SER B 180 -10.41 9.53 -14.72
CA SER B 180 -11.28 8.42 -14.32
C SER B 180 -12.71 8.90 -14.13
N PRO B 181 -13.68 8.18 -14.70
CA PRO B 181 -15.09 8.56 -14.57
C PRO B 181 -15.61 8.51 -13.13
N ASN B 182 -14.90 7.80 -12.27
CA ASN B 182 -15.32 7.70 -10.87
C ASN B 182 -14.59 8.69 -9.97
N SER B 183 -13.89 9.63 -10.58
CA SER B 183 -13.20 10.67 -9.82
C SER B 183 -13.89 11.99 -10.06
N ILE B 184 -13.71 12.92 -9.13
CA ILE B 184 -14.28 14.26 -9.28
C ILE B 184 -13.16 15.22 -8.91
N ALA B 185 -12.93 16.21 -9.78
CA ALA B 185 -11.89 17.20 -9.54
C ALA B 185 -12.51 18.58 -9.41
N PRO B 186 -12.84 19.00 -8.18
CA PRO B 186 -13.44 20.31 -7.99
C PRO B 186 -12.58 21.44 -8.53
N ALA B 187 -13.22 22.51 -8.98
CA ALA B 187 -12.51 23.66 -9.52
C ALA B 187 -12.05 24.53 -8.35
N PRO B 188 -11.01 25.35 -8.56
CA PRO B 188 -10.53 26.22 -7.48
C PRO B 188 -11.67 27.07 -6.93
N GLY B 189 -11.53 27.51 -5.69
CA GLY B 189 -12.55 28.33 -5.05
C GLY B 189 -13.33 27.58 -3.99
N ARG B 190 -14.57 27.99 -3.77
CA ARG B 190 -15.42 27.35 -2.78
C ARG B 190 -15.79 25.95 -3.27
N VAL B 191 -15.61 24.95 -2.40
CA VAL B 191 -15.91 23.57 -2.77
C VAL B 191 -17.24 23.11 -2.18
N LEU B 192 -18.14 22.64 -3.03
CA LEU B 192 -19.46 22.18 -2.59
C LEU B 192 -19.86 20.86 -3.25
N GLY B 193 -20.68 20.10 -2.55
CA GLY B 193 -21.18 18.85 -3.11
C GLY B 193 -20.44 17.55 -2.86
N LEU B 194 -19.27 17.60 -2.21
CA LEU B 194 -18.53 16.37 -1.98
C LEU B 194 -19.22 15.42 -1.00
N ASN B 195 -20.14 15.93 -0.21
CA ASN B 195 -20.84 15.09 0.76
C ASN B 195 -21.93 14.23 0.13
N THR B 196 -22.25 14.48 -1.14
CA THR B 196 -23.26 13.70 -1.84
C THR B 196 -22.77 13.17 -3.19
N THR B 197 -21.49 13.37 -3.48
CA THR B 197 -20.92 12.91 -4.75
C THR B 197 -20.96 11.39 -4.87
N SER B 198 -21.06 10.91 -6.10
CA SER B 198 -21.09 9.48 -6.37
C SER B 198 -19.68 8.97 -6.68
N ALA B 199 -18.73 9.90 -6.70
CA ALA B 199 -17.35 9.55 -6.98
C ALA B 199 -16.71 8.75 -5.84
N SER B 200 -15.68 7.99 -6.18
CA SER B 200 -14.96 7.19 -5.19
C SER B 200 -13.64 7.89 -4.86
N THR B 201 -13.24 8.80 -5.74
CA THR B 201 -11.99 9.54 -5.59
C THR B 201 -12.16 11.04 -5.80
N VAL B 202 -11.67 11.82 -4.84
CA VAL B 202 -11.73 13.28 -4.92
C VAL B 202 -10.32 13.75 -5.21
N VAL B 203 -10.16 14.50 -6.30
CA VAL B 203 -8.86 14.99 -6.72
C VAL B 203 -8.72 16.51 -6.69
N PHE B 204 -7.79 16.99 -5.88
CA PHE B 204 -7.54 18.43 -5.77
C PHE B 204 -6.26 18.74 -6.54
N ASN B 205 -6.40 19.27 -7.74
CA ASN B 205 -5.24 19.62 -8.55
C ASN B 205 -4.68 20.96 -8.12
N PRO B 206 -3.51 21.36 -8.66
CA PRO B 206 -2.94 22.65 -8.28
C PRO B 206 -3.94 23.79 -8.29
N GLY B 207 -3.95 24.56 -7.20
CA GLY B 207 -4.87 25.67 -7.08
C GLY B 207 -5.24 25.87 -5.63
N VAL B 208 -6.11 26.84 -5.36
CA VAL B 208 -6.54 27.14 -3.99
C VAL B 208 -8.01 26.81 -3.81
N TYR B 209 -8.33 26.09 -2.75
CA TYR B 209 -9.69 25.69 -2.44
C TYR B 209 -10.05 26.02 -0.99
N TYR B 210 -11.32 26.28 -0.73
CA TYR B 210 -11.74 26.58 0.62
C TYR B 210 -13.18 26.17 0.93
N PHE B 211 -13.42 25.83 2.19
CA PHE B 211 -14.74 25.39 2.65
C PHE B 211 -15.35 26.42 3.59
N THR B 212 -14.62 27.52 3.81
CA THR B 212 -15.01 28.59 4.72
C THR B 212 -14.90 28.06 6.15
N GLY B 213 -15.05 28.96 7.12
CA GLY B 213 -14.96 28.57 8.51
C GLY B 213 -16.26 28.02 9.06
N HIS B 214 -17.28 27.88 8.22
CA HIS B 214 -18.56 27.36 8.67
C HIS B 214 -19.05 26.15 7.88
N ASP B 215 -18.11 25.31 7.47
CA ASP B 215 -18.42 24.09 6.71
C ASP B 215 -17.10 23.34 6.56
N HIS B 216 -17.16 22.04 6.28
CA HIS B 216 -15.92 21.29 6.09
C HIS B 216 -16.08 20.19 5.05
N MET B 217 -14.99 19.50 4.74
CA MET B 217 -15.02 18.48 3.72
C MET B 217 -15.61 17.14 4.13
N VAL B 218 -16.93 17.08 4.20
CA VAL B 218 -17.61 15.83 4.53
C VAL B 218 -17.65 15.08 3.20
N LEU B 219 -17.04 13.90 3.18
CA LEU B 219 -16.97 13.08 1.98
C LEU B 219 -18.06 12.00 1.97
N SER B 220 -18.79 11.91 0.87
CA SER B 220 -19.87 10.93 0.75
C SER B 220 -19.39 9.51 1.05
N SER B 221 -20.33 8.61 1.32
CA SER B 221 -19.98 7.23 1.65
C SER B 221 -19.23 6.50 0.53
N SER B 222 -19.30 7.00 -0.69
CA SER B 222 -18.61 6.33 -1.81
C SER B 222 -17.15 6.78 -1.94
N VAL B 223 -16.81 7.91 -1.34
CA VAL B 223 -15.43 8.41 -1.42
C VAL B 223 -14.49 7.61 -0.53
N THR B 224 -13.50 6.97 -1.16
CA THR B 224 -12.53 6.19 -0.39
C THR B 224 -11.12 6.73 -0.60
N TRP B 225 -10.98 7.78 -1.39
CA TRP B 225 -9.68 8.39 -1.66
C TRP B 225 -9.77 9.88 -1.92
N VAL B 226 -9.08 10.68 -1.13
CA VAL B 226 -9.04 12.12 -1.36
C VAL B 226 -7.56 12.43 -1.58
N TYR B 227 -7.29 13.17 -2.65
CA TYR B 227 -5.91 13.47 -3.03
C TYR B 227 -5.61 14.95 -3.07
N PHE B 228 -4.50 15.34 -2.45
CA PHE B 228 -4.07 16.73 -2.44
C PHE B 228 -2.81 16.83 -3.27
N ALA B 229 -2.95 17.28 -4.52
CA ALA B 229 -1.81 17.37 -5.39
C ALA B 229 -0.75 18.35 -4.92
N PRO B 230 0.51 18.12 -5.30
CA PRO B 230 1.54 19.07 -4.88
C PRO B 230 1.12 20.36 -5.60
N GLY B 231 1.00 21.46 -4.87
CA GLY B 231 0.58 22.70 -5.48
C GLY B 231 -0.87 23.00 -5.20
N ALA B 232 -1.54 22.07 -4.52
CA ALA B 232 -2.94 22.26 -4.13
C ALA B 232 -2.94 22.75 -2.69
N TYR B 233 -3.76 23.77 -2.41
CA TYR B 233 -3.86 24.31 -1.06
C TYR B 233 -5.34 24.34 -0.71
N VAL B 234 -5.73 23.46 0.19
CA VAL B 234 -7.13 23.33 0.59
C VAL B 234 -7.40 23.79 2.01
N LYS B 235 -8.21 24.82 2.15
CA LYS B 235 -8.59 25.30 3.47
C LYS B 235 -9.84 24.53 3.85
N GLY B 236 -9.70 23.65 4.85
CA GLY B 236 -10.83 22.86 5.29
C GLY B 236 -10.40 21.78 6.26
N ALA B 237 -11.28 20.80 6.47
CA ALA B 237 -11.03 19.67 7.36
C ALA B 237 -11.73 18.47 6.73
N VAL B 238 -11.12 17.29 6.84
CA VAL B 238 -11.65 16.09 6.22
C VAL B 238 -12.43 15.14 7.13
N GLU B 239 -13.58 14.67 6.63
CA GLU B 239 -14.38 13.70 7.37
C GLU B 239 -14.94 12.66 6.41
N PHE B 240 -14.50 11.42 6.56
CA PHE B 240 -14.98 10.33 5.72
C PHE B 240 -16.27 9.76 6.29
N LEU B 241 -17.22 9.45 5.40
CA LEU B 241 -18.47 8.83 5.82
C LEU B 241 -18.39 7.35 5.44
N SER B 242 -17.43 7.01 4.59
CA SER B 242 -17.23 5.63 4.14
C SER B 242 -16.84 4.70 5.27
N THR B 243 -17.42 3.51 5.26
CA THR B 243 -17.12 2.50 6.28
C THR B 243 -16.43 1.33 5.58
N ALA B 244 -15.90 1.59 4.38
CA ALA B 244 -15.22 0.58 3.57
C ALA B 244 -13.90 0.10 4.19
N SER B 245 -13.33 -0.95 3.60
CA SER B 245 -12.09 -1.53 4.11
C SER B 245 -10.91 -0.57 4.11
N GLU B 246 -10.96 0.47 3.28
CA GLU B 246 -9.90 1.45 3.24
C GLU B 246 -10.36 2.84 2.84
N VAL B 247 -9.87 3.85 3.55
CA VAL B 247 -10.14 5.25 3.25
C VAL B 247 -8.73 5.83 3.19
N LYS B 248 -8.45 6.60 2.14
CA LYS B 248 -7.12 7.14 1.95
C LYS B 248 -7.06 8.63 1.63
N ALA B 249 -6.05 9.28 2.22
CA ALA B 249 -5.81 10.70 1.99
C ALA B 249 -4.32 10.77 1.66
N SER B 250 -4.00 11.25 0.44
CA SER B 250 -2.60 11.31 0.03
C SER B 250 -2.31 12.54 -0.81
N GLY B 251 -1.06 12.64 -1.26
CA GLY B 251 -0.65 13.77 -2.06
C GLY B 251 0.14 14.72 -1.18
N HIS B 252 0.99 15.55 -1.76
CA HIS B 252 1.78 16.48 -0.97
C HIS B 252 1.28 17.90 -0.87
N GLY B 253 -0.01 18.09 -1.15
CA GLY B 253 -0.61 19.40 -1.05
C GLY B 253 -0.88 19.70 0.42
N VAL B 254 -1.53 20.83 0.68
CA VAL B 254 -1.81 21.25 2.05
C VAL B 254 -3.29 21.26 2.42
N LEU B 255 -3.59 20.78 3.63
CA LEU B 255 -4.96 20.81 4.18
C LEU B 255 -4.82 21.75 5.37
N SER B 256 -5.39 22.95 5.26
CA SER B 256 -5.29 23.96 6.31
C SER B 256 -6.60 24.30 7.02
N GLY B 257 -6.56 24.33 8.35
CA GLY B 257 -7.76 24.67 9.12
C GLY B 257 -7.75 26.10 9.59
N GLU B 258 -7.00 26.97 8.91
CA GLU B 258 -6.89 28.38 9.30
C GLU B 258 -8.18 29.18 9.35
N GLN B 259 -9.22 28.72 8.66
CA GLN B 259 -10.47 29.44 8.65
C GLN B 259 -11.36 29.14 9.86
N TYR B 260 -11.03 28.08 10.59
CA TYR B 260 -11.81 27.69 11.76
C TYR B 260 -11.29 28.31 13.05
N VAL B 261 -12.19 28.82 13.88
CA VAL B 261 -11.78 29.38 15.16
C VAL B 261 -11.38 28.19 16.03
N TRP B 262 -10.65 28.44 17.10
CA TRP B 262 -10.24 27.36 17.99
C TRP B 262 -11.46 26.65 18.53
N TYR B 263 -11.39 25.33 18.62
CA TYR B 263 -12.49 24.53 19.16
C TYR B 263 -13.79 24.68 18.38
N ALA B 264 -13.68 24.98 17.08
CA ALA B 264 -14.87 25.12 16.25
C ALA B 264 -15.72 23.85 16.31
N ASP B 265 -17.01 24.01 16.62
CA ASP B 265 -17.92 22.87 16.73
C ASP B 265 -18.85 22.78 15.53
N PRO B 266 -18.66 21.76 14.67
CA PRO B 266 -19.47 21.56 13.47
C PRO B 266 -20.97 21.52 13.77
N ASP B 267 -21.32 21.07 14.98
CA ASP B 267 -22.72 20.97 15.36
C ASP B 267 -23.32 22.25 15.92
N GLU B 268 -22.50 23.29 16.06
CA GLU B 268 -22.99 24.57 16.58
C GLU B 268 -22.59 25.71 15.66
N GLY B 269 -22.83 25.52 14.37
CA GLY B 269 -22.51 26.56 13.40
C GLY B 269 -21.02 26.85 13.28
N TYR B 270 -20.21 25.91 13.76
CA TYR B 270 -18.74 26.04 13.72
C TYR B 270 -18.18 27.14 14.61
N GLN B 271 -18.98 27.60 15.57
CA GLN B 271 -18.53 28.61 16.52
C GLN B 271 -17.75 27.84 17.57
N LYS B 272 -17.02 28.55 18.42
CA LYS B 272 -16.27 27.89 19.48
C LYS B 272 -17.29 27.08 20.28
N ALA B 273 -16.93 25.85 20.65
CA ALA B 273 -17.83 25.01 21.42
C ALA B 273 -18.30 25.79 22.66
N SER B 274 -19.62 25.84 22.86
CA SER B 274 -20.22 26.56 23.99
C SER B 274 -19.53 26.21 25.30
N GLY B 275 -19.12 24.96 25.40
CA GLY B 275 -18.43 24.48 26.58
C GLY B 275 -17.34 23.56 26.07
N ALA B 276 -16.46 23.09 26.96
CA ALA B 276 -15.39 22.18 26.53
C ALA B 276 -16.02 20.81 26.27
N ASN B 277 -16.92 20.76 25.29
CA ASN B 277 -17.63 19.52 24.96
C ASN B 277 -16.84 18.49 24.16
N ASN B 278 -15.56 18.75 23.92
CA ASN B 278 -14.70 17.83 23.18
C ASN B 278 -15.14 17.61 21.74
N ASN B 279 -16.00 18.48 21.21
CA ASN B 279 -16.46 18.30 19.84
C ASN B 279 -15.79 19.26 18.86
N GLY B 280 -14.57 19.67 19.17
CA GLY B 280 -13.85 20.56 18.27
C GLY B 280 -13.60 19.82 16.97
N LEU B 281 -13.57 20.56 15.87
CA LEU B 281 -13.37 19.96 14.55
C LEU B 281 -12.00 19.32 14.36
N ARG B 282 -11.99 18.03 14.04
CA ARG B 282 -10.74 17.30 13.79
C ARG B 282 -10.35 17.53 12.34
N MET B 283 -9.06 17.49 12.04
CA MET B 283 -8.62 17.67 10.65
C MET B 283 -8.85 16.37 9.89
N TRP B 284 -8.81 15.25 10.62
CA TRP B 284 -9.05 13.93 10.03
C TRP B 284 -10.09 13.22 10.90
N ARG B 285 -11.20 12.87 10.29
CA ARG B 285 -12.29 12.20 11.00
C ARG B 285 -12.87 11.10 10.12
N GLY B 286 -13.22 9.98 10.74
CA GLY B 286 -13.79 8.88 10.00
C GLY B 286 -14.76 8.11 10.86
N THR B 287 -15.41 7.11 10.26
CA THR B 287 -16.36 6.28 10.99
C THR B 287 -16.19 4.82 10.59
N LEU B 288 -16.51 3.93 11.52
CA LEU B 288 -16.36 2.52 11.27
C LEU B 288 -17.63 1.78 11.67
N GLY B 289 -17.96 0.74 10.91
CA GLY B 289 -19.15 -0.05 11.21
C GLY B 289 -18.71 -1.24 12.03
N ASN B 290 -19.03 -2.46 11.57
CA ASN B 290 -18.63 -3.65 12.30
C ASN B 290 -17.54 -4.42 11.55
N SER B 291 -16.95 -3.77 10.54
CA SER B 291 -15.89 -4.39 9.77
C SER B 291 -14.65 -3.50 9.81
N SER B 292 -13.48 -4.11 9.75
CA SER B 292 -12.21 -3.39 9.80
C SER B 292 -12.02 -2.35 8.71
N GLN B 293 -11.29 -1.30 9.06
CA GLN B 293 -10.99 -0.23 8.11
C GLN B 293 -9.58 0.26 8.33
N THR B 294 -8.89 0.53 7.23
CA THR B 294 -7.53 1.02 7.28
C THR B 294 -7.52 2.46 6.78
N PHE B 295 -6.94 3.36 7.57
CA PHE B 295 -6.83 4.75 7.17
C PHE B 295 -5.41 4.94 6.67
N VAL B 296 -5.28 5.20 5.37
CA VAL B 296 -3.97 5.41 4.76
C VAL B 296 -3.78 6.92 4.61
N LEU B 297 -2.75 7.44 5.27
CA LEU B 297 -2.45 8.88 5.22
C LEU B 297 -1.02 9.02 4.73
N ASN B 298 -0.85 9.65 3.56
CA ASN B 298 0.47 9.76 2.98
C ASN B 298 0.76 11.10 2.32
N GLY B 299 1.93 11.65 2.65
CA GLY B 299 2.39 12.90 2.04
C GLY B 299 1.83 14.24 2.45
N VAL B 300 0.55 14.28 2.80
CA VAL B 300 -0.12 15.53 3.16
C VAL B 300 0.50 16.39 4.25
N THR B 301 0.36 17.70 4.10
CA THR B 301 0.82 18.64 5.12
C THR B 301 -0.46 19.23 5.70
N VAL B 302 -0.66 19.05 7.00
CA VAL B 302 -1.82 19.63 7.67
C VAL B 302 -1.31 20.87 8.40
N SER B 303 -2.02 21.98 8.26
CA SER B 303 -1.62 23.21 8.93
C SER B 303 -2.78 23.81 9.71
N ALA B 304 -2.45 24.51 10.79
CA ALA B 304 -3.44 25.19 11.62
C ALA B 304 -4.66 24.40 12.07
N PRO B 305 -4.47 23.29 12.78
CA PRO B 305 -5.63 22.51 13.25
C PRO B 305 -6.35 23.30 14.35
N PRO B 306 -7.69 23.36 14.29
CA PRO B 306 -8.46 24.09 15.31
C PRO B 306 -8.68 23.33 16.61
N PHE B 307 -8.34 22.04 16.61
CA PHE B 307 -8.50 21.21 17.79
C PHE B 307 -7.62 19.97 17.63
N ASN B 308 -8.05 18.83 18.20
CA ASN B 308 -7.27 17.60 18.08
C ASN B 308 -7.11 17.36 16.58
N SER B 309 -5.97 16.87 16.16
CA SER B 309 -5.77 16.64 14.73
C SER B 309 -6.61 15.49 14.18
N MET B 310 -6.89 14.47 14.99
CA MET B 310 -7.63 13.33 14.46
C MET B 310 -8.28 12.39 15.47
N ASP B 311 -9.45 11.87 15.09
CA ASP B 311 -10.21 10.91 15.89
C ASP B 311 -11.27 10.28 15.01
N TRP B 312 -11.47 8.98 15.16
CA TRP B 312 -12.50 8.27 14.41
C TRP B 312 -13.68 8.08 15.37
N SER B 313 -14.86 7.89 14.81
CA SER B 313 -16.05 7.68 15.61
C SER B 313 -16.41 6.20 15.43
N GLY B 314 -16.97 5.57 16.46
CA GLY B 314 -17.33 4.18 16.33
C GLY B 314 -17.39 3.41 17.64
N ASN B 315 -18.08 2.29 17.63
CA ASN B 315 -18.22 1.46 18.82
C ASN B 315 -17.00 0.57 19.03
N SER B 316 -16.31 0.23 17.95
CA SER B 316 -15.13 -0.63 18.03
C SER B 316 -13.94 0.01 17.34
N LEU B 317 -13.23 0.88 18.06
CA LEU B 317 -12.07 1.55 17.49
C LEU B 317 -10.90 0.58 17.30
N ASP B 318 -10.98 -0.58 17.93
CA ASP B 318 -9.92 -1.56 17.80
C ASP B 318 -9.86 -2.17 16.40
N LEU B 319 -10.89 -1.95 15.61
CA LEU B 319 -10.93 -2.50 14.25
C LEU B 319 -10.37 -1.53 13.21
N ILE B 320 -9.94 -0.36 13.66
CA ILE B 320 -9.33 0.62 12.76
C ILE B 320 -7.83 0.45 12.84
N THR B 321 -7.14 0.70 11.75
CA THR B 321 -5.69 0.63 11.73
C THR B 321 -5.21 1.75 10.81
N CYS B 322 -4.07 2.33 11.12
CA CYS B 322 -3.54 3.42 10.33
C CYS B 322 -2.20 3.10 9.67
N ARG B 323 -2.03 3.60 8.44
CA ARG B 323 -0.79 3.43 7.70
C ARG B 323 -0.42 4.86 7.31
N VAL B 324 0.47 5.45 8.10
CA VAL B 324 0.89 6.84 7.91
C VAL B 324 2.35 6.98 7.50
N ASP B 325 2.59 7.78 6.46
CA ASP B 325 3.95 8.01 5.96
C ASP B 325 4.13 9.40 5.37
N ASP B 326 5.31 9.99 5.55
CA ASP B 326 5.63 11.27 4.93
C ASP B 326 4.53 12.31 5.18
N TYR B 327 4.14 12.44 6.44
CA TYR B 327 3.08 13.34 6.84
C TYR B 327 3.57 14.42 7.80
N LYS B 328 3.00 15.62 7.70
CA LYS B 328 3.41 16.73 8.55
C LYS B 328 2.28 17.56 9.12
N GLN B 329 2.45 18.02 10.36
CA GLN B 329 1.50 18.89 11.02
C GLN B 329 2.30 20.13 11.40
N VAL B 330 1.91 21.27 10.84
CA VAL B 330 2.60 22.53 11.11
C VAL B 330 1.65 23.62 11.57
N GLY B 331 2.23 24.71 12.07
CA GLY B 331 1.42 25.84 12.52
C GLY B 331 0.32 25.53 13.49
N ALA B 332 0.54 24.56 14.36
CA ALA B 332 -0.46 24.17 15.35
C ALA B 332 -0.23 24.96 16.64
N PHE B 333 -0.47 26.26 16.60
CA PHE B 333 -0.25 27.12 17.76
C PHE B 333 -1.35 27.05 18.82
N TYR B 334 -2.50 26.48 18.47
CA TYR B 334 -3.60 26.38 19.44
C TYR B 334 -3.37 25.26 20.43
N GLY B 335 -3.98 25.40 21.61
CA GLY B 335 -3.86 24.36 22.61
C GLY B 335 -4.68 23.17 22.13
N GLN B 336 -4.42 21.99 22.72
CA GLN B 336 -5.13 20.76 22.39
C GLN B 336 -5.07 20.34 20.93
N THR B 337 -3.93 20.61 20.30
CA THR B 337 -3.72 20.23 18.91
C THR B 337 -2.95 18.91 18.89
N ASP B 338 -3.56 17.87 19.46
CA ASP B 338 -2.95 16.53 19.54
C ASP B 338 -2.49 15.92 18.22
N GLY B 339 -1.50 15.03 18.33
CA GLY B 339 -1.03 14.32 17.15
C GLY B 339 -2.09 13.31 16.76
N LEU B 340 -1.80 12.46 15.78
CA LEU B 340 -2.76 11.48 15.30
C LEU B 340 -3.05 10.36 16.28
N GLU B 341 -4.18 9.68 16.08
CA GLU B 341 -4.50 8.53 16.91
C GLU B 341 -3.86 7.39 16.12
N MET B 342 -3.21 6.46 16.81
CA MET B 342 -2.60 5.31 16.14
C MET B 342 -3.35 4.08 16.65
N TYR B 343 -4.38 3.70 15.91
CA TYR B 343 -5.22 2.56 16.26
C TYR B 343 -4.44 1.25 16.11
N PRO B 344 -4.97 0.15 16.68
CA PRO B 344 -4.30 -1.16 16.61
C PRO B 344 -3.67 -1.56 15.27
N GLY B 345 -2.42 -2.01 15.33
CA GLY B 345 -1.71 -2.45 14.14
C GLY B 345 -1.09 -1.36 13.30
N THR B 346 -1.24 -0.11 13.74
CA THR B 346 -0.71 1.02 13.00
C THR B 346 0.79 1.00 12.74
N ILE B 347 1.15 1.49 11.55
CA ILE B 347 2.53 1.64 11.15
C ILE B 347 2.61 3.10 10.72
N LEU B 348 3.34 3.90 11.50
CA LEU B 348 3.49 5.32 11.20
C LEU B 348 4.97 5.64 11.11
N GLN B 349 5.37 6.31 10.04
CA GLN B 349 6.78 6.64 9.89
C GLN B 349 7.06 7.87 9.03
N ASP B 350 8.20 8.51 9.31
CA ASP B 350 8.64 9.70 8.58
C ASP B 350 7.59 10.79 8.68
N VAL B 351 7.39 11.26 9.91
CA VAL B 351 6.41 12.28 10.22
C VAL B 351 7.02 13.47 10.96
N PHE B 352 6.45 14.65 10.72
CA PHE B 352 6.86 15.86 11.42
C PHE B 352 5.65 16.36 12.19
N TYR B 353 5.84 16.60 13.48
CA TYR B 353 4.77 17.06 14.34
C TYR B 353 5.07 18.36 15.08
N HIS B 354 4.24 19.37 14.86
CA HIS B 354 4.33 20.63 15.61
C HIS B 354 3.05 20.49 16.43
N THR B 355 3.19 20.34 17.75
CA THR B 355 2.01 20.16 18.57
C THR B 355 2.07 20.81 19.95
N ASP B 356 0.92 21.29 20.42
CA ASP B 356 0.82 21.93 21.73
C ASP B 356 0.06 21.05 22.72
N ASP B 357 0.05 19.74 22.49
CA ASP B 357 -0.62 18.83 23.42
C ASP B 357 -0.12 17.40 23.19
N ASP B 358 -0.85 16.41 23.69
CA ASP B 358 -0.42 15.01 23.55
C ASP B 358 0.13 14.72 22.15
N GLY B 359 1.42 14.39 22.10
CA GLY B 359 2.07 14.11 20.83
C GLY B 359 1.85 12.71 20.28
N LEU B 360 2.59 11.75 20.83
CA LEU B 360 2.48 10.36 20.42
C LEU B 360 1.56 9.70 21.43
N LYS B 361 0.33 9.47 21.02
CA LYS B 361 -0.68 8.88 21.89
C LYS B 361 -0.65 7.36 21.82
N MET B 362 -0.01 6.75 22.81
CA MET B 362 0.13 5.30 22.88
C MET B 362 -1.08 4.73 23.61
N TYR B 363 -2.21 4.64 22.91
CA TYR B 363 -3.44 4.13 23.48
C TYR B 363 -3.86 2.77 22.93
N TYR B 364 -3.15 2.29 21.91
CA TYR B 364 -3.50 1.03 21.28
C TYR B 364 -2.34 0.08 21.05
N SER B 365 -2.66 -1.21 21.01
CA SER B 365 -1.68 -2.27 20.84
C SER B 365 -1.16 -2.49 19.42
N ASN B 366 -0.03 -3.18 19.35
CA ASN B 366 0.61 -3.53 18.08
C ASN B 366 0.87 -2.34 17.18
N VAL B 367 1.36 -1.25 17.76
CA VAL B 367 1.65 -0.05 17.01
C VAL B 367 3.15 0.14 16.82
N THR B 368 3.53 0.63 15.66
CA THR B 368 4.94 0.87 15.35
C THR B 368 5.05 2.28 14.75
N ALA B 369 5.81 3.14 15.42
CA ALA B 369 6.01 4.50 14.95
C ALA B 369 7.51 4.75 14.89
N ARG B 370 7.99 5.23 13.75
CA ARG B 370 9.43 5.47 13.60
C ARG B 370 9.79 6.67 12.73
N ASN B 371 10.98 7.22 12.95
CA ASN B 371 11.47 8.35 12.18
C ASN B 371 10.53 9.54 12.32
N ILE B 372 10.45 10.07 13.53
CA ILE B 372 9.57 11.20 13.83
C ILE B 372 10.33 12.42 14.32
N VAL B 373 9.97 13.59 13.79
CA VAL B 373 10.57 14.85 14.20
C VAL B 373 9.46 15.65 14.87
N MET B 374 9.65 15.98 16.14
CA MET B 374 8.62 16.72 16.85
C MET B 374 9.06 18.05 17.43
N TRP B 375 8.28 19.08 17.14
CA TRP B 375 8.54 20.41 17.67
C TRP B 375 7.46 20.55 18.74
N LYS B 376 7.74 20.01 19.93
CA LYS B 376 6.81 20.08 21.03
C LYS B 376 6.73 21.52 21.50
N GLU B 377 5.52 21.98 21.76
CA GLU B 377 5.33 23.34 22.22
C GLU B 377 5.38 23.46 23.74
N SER B 378 4.27 23.76 24.40
CA SER B 378 4.34 23.93 25.85
C SER B 378 3.45 23.06 26.74
N VAL B 379 2.63 22.21 26.15
CA VAL B 379 1.73 21.39 26.95
C VAL B 379 1.74 19.90 26.62
N ALA B 380 1.52 19.08 27.65
CA ALA B 380 1.46 17.64 27.52
C ALA B 380 2.81 16.98 27.18
N PRO B 381 2.96 15.69 27.53
CA PRO B 381 4.19 14.96 27.25
C PRO B 381 4.39 14.65 25.77
N VAL B 382 5.61 14.25 25.41
CA VAL B 382 5.94 13.89 24.05
C VAL B 382 5.16 12.60 23.75
N VAL B 383 5.25 11.66 24.69
CA VAL B 383 4.53 10.39 24.59
C VAL B 383 3.50 10.37 25.70
N GLU B 384 2.27 10.00 25.36
CA GLU B 384 1.19 9.97 26.34
C GLU B 384 0.48 8.62 26.44
N PHE B 385 0.32 8.13 27.66
CA PHE B 385 -0.41 6.88 27.86
C PHE B 385 -1.17 6.85 29.19
N GLY B 386 -1.63 8.03 29.62
CA GLY B 386 -2.40 8.15 30.84
C GLY B 386 -3.86 8.43 30.50
N TRP B 387 -4.55 9.20 31.33
CA TRP B 387 -5.96 9.54 31.11
C TRP B 387 -6.95 8.41 31.39
N THR B 388 -6.66 7.22 30.87
CA THR B 388 -7.54 6.07 31.05
C THR B 388 -6.77 4.76 31.14
N PRO B 389 -7.09 3.91 32.14
CA PRO B 389 -6.37 2.65 32.23
C PRO B 389 -6.68 1.81 31.00
N ARG B 390 -5.67 1.14 30.45
CA ARG B 390 -5.87 0.34 29.26
C ARG B 390 -5.05 -0.94 29.22
N ASN B 391 -5.46 -1.86 28.36
CA ASN B 391 -4.73 -3.09 28.12
C ASN B 391 -4.06 -2.78 26.79
N THR B 392 -2.78 -2.46 26.84
CA THR B 392 -2.03 -2.13 25.63
C THR B 392 -0.73 -2.91 25.59
N GLU B 393 -0.44 -3.54 24.45
CA GLU B 393 0.79 -4.31 24.35
C GLU B 393 1.43 -4.29 22.96
N ASN B 394 2.73 -4.60 22.94
CA ASN B 394 3.51 -4.67 21.72
C ASN B 394 3.58 -3.34 20.96
N VAL B 395 4.28 -2.39 21.53
CA VAL B 395 4.44 -1.09 20.91
C VAL B 395 5.90 -0.73 20.72
N LEU B 396 6.23 -0.17 19.56
CA LEU B 396 7.60 0.24 19.28
C LEU B 396 7.64 1.65 18.71
N PHE B 397 8.27 2.56 19.45
CA PHE B 397 8.46 3.93 19.00
C PHE B 397 9.97 4.03 18.84
N ASP B 398 10.44 4.27 17.62
CA ASP B 398 11.88 4.34 17.38
C ASP B 398 12.31 5.57 16.58
N ASN B 399 13.54 6.02 16.82
CA ASN B 399 14.10 7.17 16.13
C ASN B 399 13.17 8.38 16.18
N VAL B 400 13.01 8.94 17.36
CA VAL B 400 12.16 10.10 17.55
C VAL B 400 13.01 11.27 18.04
N ASP B 401 13.17 12.28 17.19
CA ASP B 401 13.96 13.44 17.58
C ASP B 401 13.06 14.59 17.95
N VAL B 402 13.03 14.92 19.24
CA VAL B 402 12.24 16.05 19.71
C VAL B 402 13.20 17.23 19.57
N ILE B 403 13.13 17.92 18.44
CA ILE B 403 14.04 19.04 18.20
C ILE B 403 13.81 20.27 19.06
N HIS B 404 12.63 20.37 19.67
CA HIS B 404 12.32 21.51 20.52
C HIS B 404 11.27 21.24 21.58
N GLN B 405 11.38 21.95 22.69
CA GLN B 405 10.46 21.86 23.83
C GLN B 405 10.42 23.25 24.46
N ALA B 406 9.25 23.66 24.95
CA ALA B 406 9.12 24.98 25.57
C ALA B 406 8.13 24.98 26.72
N TYR B 407 8.24 23.99 27.60
CA TYR B 407 7.35 23.87 28.75
C TYR B 407 7.49 25.06 29.69
N ALA B 408 6.48 25.27 30.53
CA ALA B 408 6.47 26.39 31.47
C ALA B 408 6.39 25.96 32.94
N ASN B 409 5.70 24.86 33.22
CA ASN B 409 5.55 24.40 34.60
C ASN B 409 5.02 22.97 34.70
N ALA B 410 5.04 22.43 35.92
CA ALA B 410 4.57 21.06 36.15
C ALA B 410 3.11 20.88 35.73
N GLY B 411 2.33 21.95 35.83
CA GLY B 411 0.92 21.90 35.45
C GLY B 411 0.70 21.61 33.98
N ASN B 412 1.76 21.75 33.18
CA ASN B 412 1.71 21.50 31.74
C ASN B 412 1.79 20.00 31.45
N ASN B 413 2.11 19.22 32.47
CA ASN B 413 2.27 17.77 32.33
C ASN B 413 3.39 17.45 31.34
N PRO B 414 4.60 17.99 31.60
CA PRO B 414 5.79 17.80 30.75
C PRO B 414 6.43 16.43 30.87
N GLY B 415 7.42 16.18 30.02
CA GLY B 415 8.14 14.92 30.03
C GLY B 415 8.15 14.24 28.68
N ILE B 416 9.20 13.47 28.42
CA ILE B 416 9.32 12.75 27.17
C ILE B 416 8.33 11.59 27.21
N PHE B 417 8.40 10.81 28.28
CA PHE B 417 7.49 9.68 28.44
C PHE B 417 6.55 9.95 29.59
N GLY B 418 5.30 10.29 29.28
CA GLY B 418 4.35 10.59 30.34
C GLY B 418 3.04 9.84 30.32
N ALA B 419 2.40 9.80 31.49
CA ALA B 419 1.11 9.16 31.66
C ALA B 419 0.43 9.94 32.77
N VAL B 420 -0.46 10.83 32.38
CA VAL B 420 -1.17 11.67 33.33
C VAL B 420 -2.21 10.89 34.13
N ASN B 421 -2.93 11.60 34.99
CA ASN B 421 -3.94 11.00 35.86
C ASN B 421 -5.19 10.58 35.10
N ASN B 422 -6.13 10.00 35.84
CA ASN B 422 -7.40 9.52 35.29
C ASN B 422 -8.32 10.70 34.99
N TYR B 423 -8.59 10.91 33.71
CA TYR B 423 -9.45 12.02 33.30
C TYR B 423 -10.81 12.04 33.99
N LEU B 424 -11.34 10.88 34.32
CA LEU B 424 -12.63 10.80 34.98
C LEU B 424 -12.63 11.48 36.35
N TYR B 425 -11.47 11.48 37.01
CA TYR B 425 -11.39 12.08 38.34
C TYR B 425 -10.43 13.26 38.44
N ALA B 426 -9.57 13.41 37.44
CA ALA B 426 -8.61 14.51 37.40
C ALA B 426 -8.50 14.98 35.95
N PRO B 427 -9.54 15.65 35.45
CA PRO B 427 -9.56 16.15 34.07
C PRO B 427 -8.34 16.96 33.63
N ASP B 428 -7.65 17.61 34.56
CA ASP B 428 -6.48 18.38 34.17
C ASP B 428 -5.23 17.50 34.15
N GLY B 429 -5.42 16.23 34.47
CA GLY B 429 -4.32 15.27 34.46
C GLY B 429 -3.34 15.27 35.61
N LEU B 430 -3.53 16.16 36.57
CA LEU B 430 -2.62 16.23 37.71
C LEU B 430 -3.38 16.18 39.03
N SER B 431 -3.08 15.18 39.84
CA SER B 431 -3.74 15.02 41.13
C SER B 431 -2.94 14.10 42.03
N SER B 432 -2.96 14.38 43.33
CA SER B 432 -2.23 13.56 44.29
C SER B 432 -2.94 12.23 44.51
N ASN B 433 -4.20 12.16 44.10
CA ASN B 433 -4.99 10.93 44.23
C ASN B 433 -4.48 9.89 43.25
N HIS B 434 -3.86 8.84 43.79
CA HIS B 434 -3.31 7.77 42.97
C HIS B 434 -4.03 6.47 43.29
N SER B 435 -5.33 6.57 43.56
CA SER B 435 -6.12 5.39 43.90
C SER B 435 -7.37 5.22 43.03
N THR B 436 -7.22 5.44 41.73
CA THR B 436 -8.33 5.30 40.79
C THR B 436 -7.86 4.45 39.61
N GLY B 437 -6.89 3.58 39.87
CA GLY B 437 -6.36 2.74 38.83
C GLY B 437 -7.11 1.44 38.65
N ASN B 438 -6.64 0.62 37.73
CA ASN B 438 -7.25 -0.68 37.45
C ASN B 438 -6.17 -1.75 37.49
N SER B 439 -6.18 -2.56 38.55
CA SER B 439 -5.20 -3.62 38.73
C SER B 439 -5.45 -4.81 37.81
N ASN B 440 -6.53 -4.75 37.03
CA ASN B 440 -6.87 -5.84 36.13
C ASN B 440 -6.41 -5.59 34.70
N MET B 441 -5.81 -4.43 34.47
CA MET B 441 -5.31 -4.10 33.14
C MET B 441 -3.80 -3.93 33.18
N THR B 442 -3.14 -4.18 32.04
CA THR B 442 -1.70 -4.07 31.98
C THR B 442 -1.18 -3.54 30.65
N VAL B 443 -0.16 -2.68 30.73
CA VAL B 443 0.50 -2.13 29.56
C VAL B 443 1.80 -2.93 29.55
N ARG B 444 2.01 -3.74 28.52
CA ARG B 444 3.21 -4.57 28.46
C ARG B 444 3.95 -4.55 27.12
N ASN B 445 5.20 -4.97 27.17
CA ASN B 445 6.07 -5.03 25.99
C ASN B 445 6.03 -3.72 25.21
N ILE B 446 6.56 -2.68 25.84
CA ILE B 446 6.63 -1.35 25.26
C ILE B 446 8.10 -0.99 25.09
N THR B 447 8.48 -0.56 23.89
CA THR B 447 9.86 -0.18 23.63
C THR B 447 9.94 1.21 23.02
N TRP B 448 10.69 2.09 23.69
CA TRP B 448 10.90 3.46 23.23
C TRP B 448 12.40 3.56 22.98
N SER B 449 12.80 3.43 21.70
CA SER B 449 14.21 3.47 21.37
C SER B 449 14.71 4.62 20.49
N ASN B 450 15.97 4.96 20.67
CA ASN B 450 16.63 6.02 19.92
C ASN B 450 15.90 7.36 19.92
N PHE B 451 15.57 7.83 21.11
CA PHE B 451 14.90 9.11 21.28
C PHE B 451 15.96 10.18 21.51
N ARG B 452 15.77 11.35 20.94
CA ARG B 452 16.72 12.44 21.11
C ARG B 452 15.99 13.75 21.40
N ALA B 453 16.39 14.40 22.49
CA ALA B 453 15.80 15.68 22.86
C ALA B 453 16.86 16.75 22.67
N GLU B 454 16.71 17.54 21.62
CA GLU B 454 17.67 18.61 21.33
C GLU B 454 17.34 19.86 22.14
N GLY B 455 18.37 20.62 22.49
CA GLY B 455 18.15 21.82 23.29
C GLY B 455 17.74 21.45 24.71
N SER B 456 17.13 22.38 25.42
CA SER B 456 16.70 22.10 26.78
C SER B 456 15.51 21.16 26.74
N SER B 457 15.47 20.20 27.67
CA SER B 457 14.40 19.21 27.69
C SER B 457 13.75 19.03 29.05
N SER B 458 12.54 18.48 29.05
CA SER B 458 11.82 18.21 30.29
C SER B 458 12.27 16.85 30.81
N ALA B 459 11.62 16.37 31.88
CA ALA B 459 11.97 15.09 32.47
C ALA B 459 11.96 13.91 31.51
N LEU B 460 12.75 12.88 31.82
CA LEU B 460 12.79 11.70 30.97
C LEU B 460 11.41 11.06 31.02
N PHE B 461 10.81 11.03 32.21
CA PHE B 461 9.50 10.44 32.36
C PHE B 461 8.73 10.88 33.60
N ARG B 462 7.42 10.93 33.46
CA ARG B 462 6.50 11.27 34.55
C ARG B 462 5.32 10.35 34.29
N ILE B 463 5.45 9.12 34.77
CA ILE B 463 4.46 8.08 34.58
C ILE B 463 3.63 7.69 35.79
N ASN B 464 2.31 7.72 35.63
CA ASN B 464 1.38 7.32 36.68
C ASN B 464 0.90 5.93 36.29
N PRO B 465 1.24 4.90 37.08
CA PRO B 465 0.78 3.56 36.72
C PRO B 465 -0.72 3.41 36.96
N ILE B 466 -1.54 3.98 36.09
CA ILE B 466 -2.99 3.88 36.25
C ILE B 466 -3.44 2.44 36.05
N GLN B 467 -2.53 1.62 35.54
CA GLN B 467 -2.76 0.20 35.35
C GLN B 467 -1.36 -0.42 35.41
N ASN B 468 -1.29 -1.73 35.54
CA ASN B 468 -0.01 -2.42 35.65
C ASN B 468 0.92 -2.18 34.45
N LEU B 469 2.21 -2.07 34.74
CA LEU B 469 3.22 -1.86 33.71
C LEU B 469 4.18 -3.05 33.71
N ASP B 470 4.46 -3.61 32.54
CA ASP B 470 5.36 -4.74 32.44
C ASP B 470 6.20 -4.76 31.17
N ASN B 471 7.49 -4.99 31.32
CA ASN B 471 8.42 -5.05 30.20
C ASN B 471 8.41 -3.78 29.34
N ILE B 472 8.72 -2.65 29.97
CA ILE B 472 8.77 -1.37 29.26
C ILE B 472 10.26 -1.02 29.15
N SER B 473 10.74 -0.87 27.92
CA SER B 473 12.15 -0.57 27.73
C SER B 473 12.47 0.76 27.06
N ILE B 474 13.53 1.38 27.54
CA ILE B 474 14.02 2.63 27.00
C ILE B 474 15.45 2.33 26.57
N LYS B 475 15.68 2.33 25.26
CA LYS B 475 17.00 2.04 24.73
C LYS B 475 17.49 3.22 23.90
N ASN B 476 18.61 3.80 24.32
CA ASN B 476 19.20 4.96 23.65
C ASN B 476 18.25 6.14 23.70
N VAL B 477 18.56 7.08 24.60
CA VAL B 477 17.77 8.29 24.75
C VAL B 477 18.71 9.39 25.23
N SER B 478 18.93 10.40 24.40
CA SER B 478 19.83 11.48 24.76
C SER B 478 19.12 12.81 24.95
N ILE B 479 19.45 13.47 26.06
CA ILE B 479 18.90 14.78 26.39
C ILE B 479 20.09 15.74 26.40
N GLU B 480 20.15 16.63 25.42
CA GLU B 480 21.25 17.58 25.34
C GLU B 480 21.43 18.32 26.66
N SER B 481 20.37 19.00 27.11
CA SER B 481 20.41 19.73 28.37
C SER B 481 19.02 19.75 28.99
N PHE B 482 18.94 20.12 30.27
CA PHE B 482 17.67 20.18 30.98
C PHE B 482 17.16 21.60 31.11
N GLU B 483 15.83 21.74 31.21
CA GLU B 483 15.19 23.04 31.38
C GLU B 483 15.52 23.50 32.80
N PRO B 484 15.23 24.76 33.14
CA PRO B 484 15.52 25.25 34.49
C PRO B 484 14.90 24.41 35.59
N LEU B 485 15.70 24.07 36.59
CA LEU B 485 15.24 23.26 37.71
C LEU B 485 14.16 23.98 38.50
N SER B 486 14.08 25.29 38.34
CA SER B 486 13.11 26.11 39.06
C SER B 486 11.66 26.02 38.58
N ILE B 487 11.45 25.71 37.29
CA ILE B 487 10.09 25.63 36.77
C ILE B 487 9.50 24.24 36.97
N ASN B 488 10.27 23.38 37.63
CA ASN B 488 9.83 22.02 37.93
C ASN B 488 9.24 21.27 36.75
N THR B 489 10.10 20.86 35.82
CA THR B 489 9.67 20.14 34.63
C THR B 489 10.70 19.09 34.23
N THR B 490 11.81 19.01 34.96
CA THR B 490 12.87 18.06 34.62
C THR B 490 13.02 16.84 35.53
N GLU B 491 12.39 16.87 36.70
CA GLU B 491 12.48 15.73 37.62
C GLU B 491 11.51 14.63 37.21
N SER B 492 12.04 13.41 37.02
CA SER B 492 11.23 12.27 36.63
C SER B 492 10.68 11.50 37.83
N TRP B 493 9.42 11.10 37.75
CA TRP B 493 8.79 10.35 38.83
C TRP B 493 7.85 9.24 38.37
N MET B 494 7.54 8.33 39.29
CA MET B 494 6.64 7.21 39.06
C MET B 494 6.12 6.76 40.42
N PRO B 495 5.07 7.42 40.92
CA PRO B 495 4.45 7.11 42.21
C PRO B 495 3.63 5.81 42.23
N VAL B 496 3.53 5.22 43.42
CA VAL B 496 2.78 3.98 43.58
C VAL B 496 1.28 4.27 43.43
N TRP B 497 0.58 3.38 42.73
CA TRP B 497 -0.85 3.53 42.52
C TRP B 497 -1.65 2.37 43.10
N TYR B 498 -2.97 2.57 43.23
CA TYR B 498 -3.85 1.55 43.77
C TYR B 498 -5.12 1.38 42.95
N ASP B 499 -5.70 0.18 43.02
CA ASP B 499 -6.93 -0.13 42.31
C ASP B 499 -8.10 0.66 42.89
N LEU B 500 -8.89 1.26 42.01
CA LEU B 500 -10.03 2.07 42.41
C LEU B 500 -11.06 1.35 43.28
N ASN B 501 -11.26 0.06 43.02
CA ASN B 501 -12.28 -0.69 43.75
C ASN B 501 -11.84 -1.62 44.87
N ASN B 502 -10.71 -2.29 44.74
CA ASN B 502 -10.28 -3.21 45.78
C ASN B 502 -9.00 -2.84 46.51
N GLY B 503 -8.43 -1.68 46.19
CA GLY B 503 -7.22 -1.25 46.87
C GLY B 503 -5.94 -2.01 46.58
N LYS B 504 -5.98 -2.90 45.59
CA LYS B 504 -4.80 -3.67 45.23
C LYS B 504 -3.76 -2.72 44.64
N GLN B 505 -2.49 -2.91 45.03
CA GLN B 505 -1.43 -2.04 44.54
C GLN B 505 -1.06 -2.34 43.10
N ILE B 506 -1.00 -1.29 42.27
CA ILE B 506 -0.65 -1.46 40.87
C ILE B 506 0.83 -1.82 40.80
N THR B 507 1.17 -2.78 39.94
CA THR B 507 2.55 -3.23 39.83
C THR B 507 3.33 -2.69 38.64
N VAL B 508 4.66 -2.70 38.79
CA VAL B 508 5.58 -2.26 37.74
C VAL B 508 6.65 -3.36 37.66
N THR B 509 6.83 -3.92 36.49
CA THR B 509 7.80 -5.00 36.31
C THR B 509 8.69 -4.81 35.09
N ASP B 510 9.99 -5.03 35.28
CA ASP B 510 10.97 -4.92 34.21
C ASP B 510 10.92 -3.62 33.40
N PHE B 511 11.10 -2.50 34.11
CA PHE B 511 11.13 -1.19 33.47
C PHE B 511 12.61 -0.88 33.30
N SER B 512 13.16 -1.17 32.13
CA SER B 512 14.58 -0.96 31.87
C SER B 512 14.96 0.31 31.12
N ILE B 513 16.16 0.79 31.43
CA ILE B 513 16.73 2.00 30.82
C ILE B 513 18.15 1.68 30.39
N GLU B 514 18.44 1.87 29.10
CA GLU B 514 19.76 1.61 28.55
C GLU B 514 20.10 2.68 27.51
N GLY B 515 21.38 3.02 27.43
CA GLY B 515 21.81 4.03 26.47
C GLY B 515 21.26 5.42 26.74
N PHE B 516 21.04 5.75 28.01
CA PHE B 516 20.51 7.06 28.38
C PHE B 516 21.65 8.02 28.71
N THR B 517 21.71 9.14 27.98
CA THR B 517 22.75 10.13 28.18
C THR B 517 22.19 11.54 28.34
N VAL B 518 22.85 12.34 29.17
CA VAL B 518 22.46 13.72 29.40
C VAL B 518 23.72 14.54 29.14
N GLY B 519 23.79 15.13 27.95
CA GLY B 519 24.97 15.90 27.61
C GLY B 519 26.04 14.91 27.21
N ASN B 520 27.23 15.04 27.79
CA ASN B 520 28.32 14.13 27.46
C ASN B 520 28.51 13.11 28.59
N THR B 521 27.45 12.87 29.35
CA THR B 521 27.51 11.94 30.47
C THR B 521 26.54 10.78 30.32
N THR B 522 27.06 9.56 30.42
CA THR B 522 26.23 8.37 30.31
C THR B 522 25.56 8.13 31.66
N ILE B 523 24.24 7.96 31.64
CA ILE B 523 23.49 7.75 32.87
C ILE B 523 23.43 6.28 33.27
N THR B 524 23.65 6.04 34.56
CA THR B 524 23.62 4.69 35.12
C THR B 524 22.94 4.80 36.48
N ALA B 525 22.78 3.67 37.16
CA ALA B 525 22.14 3.65 38.46
C ALA B 525 22.94 4.49 39.45
N SER B 526 24.25 4.57 39.23
CA SER B 526 25.13 5.33 40.11
C SER B 526 24.94 6.84 40.01
N ASN B 527 24.39 7.32 38.90
CA ASN B 527 24.19 8.76 38.72
C ASN B 527 22.84 9.10 38.09
N ALA B 528 21.86 8.23 38.26
CA ALA B 528 20.53 8.46 37.68
C ALA B 528 19.77 9.57 38.39
N ALA B 529 19.78 9.55 39.71
CA ALA B 529 19.07 10.53 40.51
C ALA B 529 19.77 11.88 40.53
N SER B 530 21.08 11.88 40.30
CA SER B 530 21.85 13.12 40.31
C SER B 530 21.83 13.83 38.96
N VAL B 531 22.48 13.25 37.96
CA VAL B 531 22.55 13.83 36.64
C VAL B 531 21.25 13.68 35.85
N GLY B 532 20.74 12.45 35.79
CA GLY B 532 19.52 12.19 35.06
C GLY B 532 18.27 12.79 35.69
N ARG B 533 18.42 13.28 36.91
CA ARG B 533 17.30 13.88 37.65
C ARG B 533 16.13 12.92 37.85
N ILE B 534 16.43 11.63 37.85
CA ILE B 534 15.42 10.59 38.06
C ILE B 534 15.40 10.30 39.56
N ASP B 535 14.62 11.10 40.30
CA ASP B 535 14.53 10.93 41.74
C ASP B 535 13.09 10.88 42.25
N GLY B 536 12.19 10.40 41.42
CA GLY B 536 10.79 10.33 41.82
C GLY B 536 10.18 8.93 41.79
N VAL B 537 10.99 7.93 41.50
CA VAL B 537 10.50 6.55 41.45
C VAL B 537 10.13 6.09 42.85
N ASP B 538 8.90 5.62 43.02
CA ASP B 538 8.42 5.16 44.31
C ASP B 538 9.30 4.02 44.82
N PRO B 539 9.56 3.99 46.13
CA PRO B 539 10.40 2.93 46.70
C PRO B 539 9.82 1.54 46.39
N ALA B 540 8.51 1.49 46.20
CA ALA B 540 7.83 0.23 45.88
C ALA B 540 8.18 -0.26 44.48
N TYR B 541 8.49 0.68 43.58
CA TYR B 541 8.82 0.34 42.21
C TYR B 541 10.33 0.40 41.94
N ALA B 542 11.09 0.96 42.88
CA ALA B 542 12.53 1.09 42.74
C ALA B 542 13.23 -0.17 42.23
N GLY B 543 12.91 -1.31 42.83
CA GLY B 543 13.53 -2.55 42.41
C GLY B 543 13.09 -3.03 41.04
N SER B 544 12.08 -2.37 40.48
CA SER B 544 11.55 -2.74 39.17
C SER B 544 12.18 -1.93 38.04
N VAL B 545 12.84 -0.83 38.39
CA VAL B 545 13.49 0.02 37.41
C VAL B 545 14.96 -0.38 37.32
N HIS B 546 15.34 -1.00 36.20
CA HIS B 546 16.70 -1.46 36.01
C HIS B 546 17.47 -0.62 34.99
N TYR B 547 18.75 -0.39 35.27
CA TYR B 547 19.60 0.38 34.38
C TYR B 547 20.57 -0.56 33.66
N ILE B 548 20.21 -0.96 32.44
CA ILE B 548 21.04 -1.85 31.65
C ILE B 548 22.31 -1.13 31.23
N ASP B 549 23.39 -1.36 31.97
CA ASP B 549 24.67 -0.73 31.66
C ASP B 549 25.74 -1.79 31.42
C1 NAG C . -29.25 -10.80 -6.69
C2 NAG C . -29.11 -11.16 -8.17
C3 NAG C . -28.85 -9.89 -9.00
C4 NAG C . -29.94 -8.85 -8.71
C5 NAG C . -30.06 -8.60 -7.20
C6 NAG C . -31.21 -7.67 -6.85
C7 NAG C . -28.24 -13.27 -8.90
C8 NAG C . -27.32 -13.70 -10.04
N2 NAG C . -28.01 -12.09 -8.35
O3 NAG C . -28.85 -10.21 -10.39
O4 NAG C . -29.61 -7.63 -9.36
O5 NAG C . -30.32 -9.86 -6.51
O6 NAG C . -32.46 -8.28 -7.14
O7 NAG C . -29.16 -14.01 -8.55
C1 NAG D . -4.49 -39.38 -16.96
C2 NAG D . -5.00 -40.82 -16.90
C3 NAG D . -4.37 -41.52 -15.70
C4 NAG D . -2.85 -41.44 -15.77
C5 NAG D . -2.42 -39.96 -15.91
C6 NAG D . -0.93 -39.83 -16.12
C7 NAG D . -7.19 -41.46 -17.67
C8 NAG D . -8.71 -41.37 -17.49
N2 NAG D . -6.45 -40.83 -16.77
O3 NAG D . -4.78 -42.89 -15.67
O4 NAG D . -2.30 -41.97 -14.58
O5 NAG D . -3.06 -39.38 -17.06
O6 NAG D . -0.55 -38.46 -16.14
O7 NAG D . -6.73 -42.10 -18.62
C1 NAG E . -17.72 -40.49 -9.24
C2 NAG E . -17.62 -40.74 -10.75
C3 NAG E . -16.27 -41.36 -11.12
C4 NAG E . -15.12 -40.55 -10.51
C5 NAG E . -15.34 -40.40 -9.01
C6 NAG E . -14.27 -39.57 -8.32
C7 NAG E . -19.40 -41.37 -12.27
C8 NAG E . -19.49 -42.49 -13.29
N2 NAG E . -18.70 -41.62 -11.16
O3 NAG E . -16.13 -41.41 -12.53
O4 NAG E . -13.88 -41.21 -10.74
O5 NAG E . -16.60 -39.73 -8.77
O6 NAG E . -14.48 -39.53 -6.92
O7 NAG E . -19.95 -40.28 -12.48
C1 NAG F . -19.70 -4.84 -36.40
C2 NAG F . -19.26 -4.46 -37.84
C3 NAG F . -19.89 -5.43 -38.85
C4 NAG F . -19.60 -6.88 -38.46
C5 NAG F . -20.08 -7.11 -37.04
C6 NAG F . -19.82 -8.52 -36.55
C7 NAG F . -18.79 -2.19 -38.48
C8 NAG F . -19.32 -0.81 -38.84
N2 NAG F . -19.69 -3.11 -38.14
O3 NAG F . -19.37 -5.17 -40.15
O4 NAG F . -20.25 -7.77 -39.35
O5 NAG F . -19.40 -6.21 -36.13
O6 NAG F . -20.48 -8.77 -35.32
O7 NAG F . -17.58 -2.40 -38.49
C1 NAG G . -3.79 14.54 -29.30
C2 NAG G . -3.16 15.94 -29.29
C3 NAG G . -4.25 17.01 -29.26
C4 NAG G . -5.28 16.78 -30.37
C5 NAG G . -5.81 15.34 -30.31
C6 NAG G . -6.76 15.02 -31.45
C7 NAG G . -1.01 16.32 -28.26
C8 NAG G . -0.12 15.97 -27.08
N2 NAG G . -2.32 16.08 -28.13
O3 NAG G . -3.66 18.29 -29.42
O4 NAG G . -6.36 17.69 -30.22
O5 NAG G . -4.71 14.40 -30.40
O6 NAG G . -6.10 15.08 -32.71
O7 NAG G . -0.50 16.77 -29.29
C1 NAG H . 8.57 5.74 -12.68
C2 NAG H . 8.66 6.44 -14.04
C3 NAG H . 9.48 7.74 -13.92
C4 NAG H . 8.94 8.62 -12.80
C5 NAG H . 8.85 7.81 -11.50
C6 NAG H . 8.24 8.60 -10.36
C7 NAG H . 8.62 5.16 -16.08
C8 NAG H . 9.43 4.56 -17.21
N2 NAG H . 9.29 5.56 -15.00
O3 NAG H . 9.42 8.45 -15.14
O4 NAG H . 9.81 9.73 -12.60
O5 NAG H . 8.02 6.64 -11.70
O6 NAG H . 8.61 8.06 -9.10
O7 NAG H . 7.40 5.27 -16.19
C1 NAG I . 25.28 -14.51 -32.47
C2 NAG I . 26.34 -14.75 -33.55
C3 NAG I . 26.59 -13.48 -34.36
C4 NAG I . 25.28 -12.91 -34.89
C5 NAG I . 24.29 -12.73 -33.74
C6 NAG I . 22.94 -12.25 -34.22
C7 NAG I . 27.85 -16.51 -32.88
C8 NAG I . 28.57 -17.01 -31.64
N2 NAG I . 27.59 -15.20 -32.95
O3 NAG I . 27.46 -13.78 -35.45
O4 NAG I . 25.53 -11.65 -35.51
O5 NAG I . 24.08 -14.00 -33.07
O6 NAG I . 22.40 -13.09 -35.22
O7 NAG I . 27.54 -17.30 -33.77
C1 NAG J . 12.89 0.93 -5.90
C2 NAG J . 12.44 2.40 -5.77
C3 NAG J . 11.28 2.54 -4.78
C4 NAG J . 10.17 1.53 -5.07
C5 NAG J . 10.77 0.13 -5.16
C6 NAG J . 9.75 -0.95 -5.47
C7 NAG J . 14.80 2.91 -5.51
C8 NAG J . 15.51 3.45 -6.72
N2 NAG J . 13.53 3.25 -5.33
O3 NAG J . 10.75 3.85 -4.83
O4 NAG J . 9.20 1.56 -4.03
O5 NAG J . 11.77 0.09 -6.20
O6 NAG J . 10.26 -2.24 -5.14
O7 NAG J . 15.40 2.19 -4.71
C1 NAG K . 11.05 -12.93 5.04
C2 NAG K . 10.45 -11.54 5.25
C3 NAG K . 10.56 -11.12 6.72
C4 NAG K . 10.01 -12.21 7.64
C5 NAG K . 10.62 -13.57 7.29
C6 NAG K . 10.01 -14.70 8.09
C7 NAG K . 10.44 -9.79 3.58
C8 NAG K . 11.22 -8.73 2.81
N2 NAG K . 11.13 -10.57 4.41
O3 NAG K . 9.84 -9.92 6.92
O4 NAG K . 10.30 -11.89 8.99
O5 NAG K . 10.41 -13.87 5.90
O6 NAG K . 10.43 -14.66 9.45
O7 NAG K . 9.22 -9.90 3.42
C1 NAG L . 20.55 -28.45 -20.10
C2 NAG L . 21.74 -29.40 -20.34
C3 NAG L . 22.95 -28.64 -20.87
C4 NAG L . 22.55 -27.83 -22.11
C5 NAG L . 21.35 -26.94 -21.80
C6 NAG L . 20.85 -26.20 -23.02
C7 NAG L . 22.59 -31.32 -19.16
C8 NAG L . 24.02 -31.50 -18.68
N2 NAG L . 22.08 -30.10 -19.11
O3 NAG L . 24.00 -29.53 -21.20
O4 NAG L . 23.65 -27.02 -22.52
O5 NAG L . 20.25 -27.75 -21.32
O6 NAG L . 20.07 -27.03 -23.87
O7 NAG L . 21.96 -32.29 -19.57
C1 NAG M . 14.53 -33.11 5.54
C2 NAG M . 14.24 -34.17 6.62
C3 NAG M . 14.75 -35.54 6.19
C4 NAG M . 14.23 -35.90 4.80
C5 NAG M . 14.54 -34.77 3.81
C6 NAG M . 13.95 -35.03 2.43
C7 NAG M . 14.17 -33.13 8.80
C8 NAG M . 14.91 -32.78 10.07
N2 NAG M . 14.87 -33.78 7.86
O3 NAG M . 14.33 -36.52 7.12
O4 NAG M . 14.86 -37.10 4.36
O5 NAG M . 13.98 -33.53 4.28
O6 NAG M . 12.53 -34.89 2.45
O7 NAG M . 12.99 -32.82 8.65
C1 NAG N . 3.74 18.70 -13.25
C2 NAG N . 2.51 19.39 -12.63
C3 NAG N . 1.29 18.47 -12.67
C4 NAG N . 1.07 17.91 -14.08
C5 NAG N . 2.36 17.28 -14.60
C6 NAG N . 2.23 16.80 -16.03
C7 NAG N . 2.93 21.03 -10.89
C8 NAG N . 3.80 21.93 -11.76
N2 NAG N . 2.81 19.75 -11.26
O3 NAG N . 0.13 19.20 -12.26
O4 NAG N . 0.04 16.95 -14.06
O5 NAG N . 3.43 18.25 -14.57
O6 NAG N . 3.44 16.20 -16.48
O7 NAG N . 2.39 21.49 -9.89
C1 NAG O . 9.21 38.05 20.35
C2 NAG O . 9.80 39.46 20.23
C3 NAG O . 11.28 39.43 20.63
C4 NAG O . 11.45 38.83 22.02
C5 NAG O . 10.75 37.47 22.10
C6 NAG O . 10.76 36.90 23.51
C7 NAG O . 9.18 41.15 18.62
C8 NAG O . 9.04 41.55 17.16
N2 NAG O . 9.66 39.93 18.86
O3 NAG O . 11.81 40.75 20.60
O4 NAG O . 12.83 38.69 22.31
O5 NAG O . 9.36 37.58 21.71
O6 NAG O . 10.02 35.69 23.58
O7 NAG O . 8.84 41.93 19.51
C1 NAG P . 14.86 41.46 7.02
C2 NAG P . 13.64 41.90 7.85
C3 NAG P . 14.01 42.01 9.34
C4 NAG P . 14.65 40.71 9.82
C5 NAG P . 15.83 40.36 8.91
C6 NAG P . 16.49 39.04 9.28
C7 NAG P . 11.85 43.40 7.23
C8 NAG P . 11.41 44.20 6.02
N2 NAG P . 13.16 43.19 7.38
O3 NAG P . 12.83 42.27 10.10
O4 NAG P . 15.11 40.87 11.15
O5 NAG P . 15.39 40.24 7.54
O6 NAG P . 17.53 38.71 8.36
O7 NAG P . 11.01 42.98 8.03
C1 NAG Q . 24.24 39.22 -3.83
C2 NAG Q . 24.11 39.09 -5.35
C3 NAG Q . 23.70 40.44 -5.95
C4 NAG Q . 22.43 40.94 -5.27
C5 NAG Q . 22.63 40.98 -3.75
C6 NAG Q . 21.37 41.37 -3.01
C7 NAG Q . 25.43 37.46 -6.54
C8 NAG Q . 26.53 37.28 -7.58
N2 NAG Q . 25.37 38.64 -5.93
O3 NAG Q . 23.48 40.31 -7.35
O4 NAG Q . 22.10 42.24 -5.75
O5 NAG Q . 23.01 39.68 -3.26
O6 NAG Q . 20.32 40.46 -3.25
O7 NAG Q . 24.65 36.53 -6.30
C1 NAG R . -24.00 18.61 2.24
C2 NAG R . -25.23 18.58 3.15
C3 NAG R . -25.93 19.94 3.11
C4 NAG R . -24.93 21.05 3.49
C5 NAG R . -23.67 20.96 2.61
C6 NAG R . -22.60 21.94 3.07
C7 NAG R . -26.53 16.63 3.63
C8 NAG R . -27.93 16.79 4.21
N2 NAG R . -26.14 17.54 2.75
O3 NAG R . -27.01 19.95 4.02
O4 NAG R . -25.55 22.32 3.31
O5 NAG R . -23.10 19.64 2.68
O6 NAG R . -21.69 22.23 2.02
O7 NAG R . -25.82 15.70 3.99
C1 NAG S . -21.75 -7.08 10.61
C2 NAG S . -21.75 -8.61 10.71
C3 NAG S . -22.86 -9.19 9.81
C4 NAG S . -24.22 -8.54 10.12
C5 NAG S . -24.08 -7.01 10.04
C6 NAG S . -25.36 -6.30 10.42
C7 NAG S . -19.54 -9.45 11.20
C8 NAG S . -18.29 -8.58 11.23
N2 NAG S . -20.47 -9.13 10.29
O3 NAG S . -22.95 -10.59 10.03
O4 NAG S . -25.19 -8.98 9.19
O5 NAG S . -23.05 -6.57 10.95
O6 NAG S . -25.72 -6.58 11.76
O7 NAG S . -19.67 -10.38 11.99
C1 NAG T . -2.18 -7.44 18.82
C2 NAG T . -3.70 -7.63 18.88
C3 NAG T . -4.03 -8.95 19.58
C4 NAG T . -3.27 -10.12 18.92
C5 NAG T . -1.77 -9.80 18.83
C6 NAG T . -1.00 -10.86 18.06
C7 NAG T . -5.31 -5.85 19.02
C8 NAG T . -6.26 -5.11 19.96
N2 NAG T . -4.31 -6.52 19.58
O3 NAG T . -5.42 -9.20 19.51
O4 NAG T . -3.46 -11.29 19.69
O5 NAG T . -1.57 -8.55 18.13
O6 NAG T . -1.00 -10.61 16.68
O7 NAG T . -5.50 -5.81 17.80
C1 NAG U . -9.49 9.28 45.12
C2 NAG U . -10.12 9.35 46.52
C3 NAG U . -11.32 8.40 46.62
C4 NAG U . -12.30 8.67 45.47
C5 NAG U . -11.56 8.58 44.15
C6 NAG U . -12.44 8.87 42.95
C7 NAG U . -8.30 9.94 47.98
C8 NAG U . -6.84 9.81 47.59
N2 NAG U . -9.14 9.01 47.53
O3 NAG U . -11.98 8.58 47.87
O4 NAG U . -13.35 7.72 45.51
O5 NAG U . -10.48 9.54 44.11
O6 NAG U . -13.11 10.13 43.09
O7 NAG U . -8.67 10.87 48.69
C1 NAG V . -10.63 -5.80 39.14
C2 NAG V . -11.65 -4.69 39.39
C3 NAG V . -12.47 -5.01 40.64
C4 NAG V . -13.09 -6.40 40.52
C5 NAG V . -12.02 -7.44 40.20
C6 NAG V . -12.63 -8.80 39.92
C7 NAG V . -11.41 -2.35 38.85
C8 NAG V . -10.43 -1.20 38.67
N2 NAG V . -10.99 -3.41 39.54
O3 NAG V . -13.48 -4.03 40.81
O4 NAG V . -13.74 -6.74 41.74
O5 NAG V . -11.29 -7.06 39.00
O6 NAG V . -13.54 -8.74 38.84
O7 NAG V . -12.54 -2.29 38.36
C1 NAG W . 6.78 -7.08 21.62
C2 NAG W . 6.23 -8.32 20.90
C3 NAG W . 7.09 -8.61 19.67
C4 NAG W . 7.17 -7.36 18.77
C5 NAG W . 7.64 -6.17 19.59
C6 NAG W . 7.64 -4.87 18.79
C7 NAG W . 5.43 -10.49 21.55
C8 NAG W . 4.05 -10.46 22.18
N2 NAG W . 6.25 -9.46 21.79
O3 NAG W . 6.52 -9.69 18.93
O4 NAG W . 8.07 -7.61 17.70
O5 NAG W . 6.78 -5.96 20.73
O6 NAG W . 6.33 -4.33 18.71
O7 NAG W . 5.76 -11.45 20.85
C1 NAG X . 21.66 1.93 20.66
C2 NAG X . 21.27 1.09 19.45
C3 NAG X . 22.48 0.31 18.95
C4 NAG X . 23.66 1.27 18.69
C5 NAG X . 23.93 2.12 19.93
C6 NAG X . 25.01 3.15 19.71
C7 NAG X . 18.95 0.46 19.47
C8 NAG X . 18.02 0.92 20.58
N2 NAG X . 20.20 0.17 19.80
O3 NAG X . 22.15 -0.38 17.76
O4 NAG X . 24.83 0.51 18.37
O5 NAG X . 22.73 2.83 20.32
O6 NAG X . 24.81 3.85 18.48
O7 NAG X . 18.52 0.36 18.33
C1 NAG Y . 8.87 23.68 42.47
C2 NAG Y . 7.76 24.51 43.12
C3 NAG Y . 8.17 24.88 44.54
C4 NAG Y . 8.51 23.61 45.34
C5 NAG Y . 9.56 22.79 44.58
C6 NAG Y . 9.86 21.47 45.26
C7 NAG Y . 6.26 26.19 42.25
C8 NAG Y . 5.29 25.48 41.33
N2 NAG Y . 7.50 25.70 42.33
O3 NAG Y . 7.11 25.59 45.18
O4 NAG Y . 9.00 23.97 46.63
O5 NAG Y . 9.11 22.50 43.24
O6 NAG Y . 11.03 20.88 44.72
O7 NAG Y . 5.90 27.17 42.89
#